data_1EIO
#
_entry.id   1EIO
#
_cell.length_a   1.000
_cell.length_b   1.000
_cell.length_c   1.000
_cell.angle_alpha   90.00
_cell.angle_beta   90.00
_cell.angle_gamma   90.00
#
_symmetry.space_group_name_H-M   'P 1'
#
loop_
_entity.id
_entity.type
_entity.pdbx_description
1 polymer 'ILEAL LIPID BINDING PROTEIN'
2 non-polymer 'GLYCOCHOLIC ACID'
#
_entity_poly.entity_id   1
_entity_poly.type   'polypeptide(L)'
_entity_poly.pdbx_seq_one_letter_code
;AFTGKYEIESEKNYDEFMKRLALPSDAIDKARNLKIISEVKQDGQNFTWSQQYPGGHSITNTFTIGKECDIETIGGKKFK
ATVQMEGGKVVVNSPNYHHTAEIVDGKLVEVSTVGGVSYERVSKKLA
;
_entity_poly.pdbx_strand_id   A
#
loop_
_chem_comp.id
_chem_comp.type
_chem_comp.name
_chem_comp.formula
GCH non-polymer 'GLYCOCHOLIC ACID' 'C26 H43 N O6'
#
# COMPACT_ATOMS: atom_id res chain seq x y z
N ALA A 1 4.13 4.50 -14.57
CA ALA A 1 2.94 3.65 -14.87
C ALA A 1 3.43 2.26 -15.35
N PHE A 2 3.51 1.22 -14.46
CA PHE A 2 3.31 1.24 -13.01
C PHE A 2 4.58 1.72 -12.28
N THR A 3 5.76 1.55 -12.94
CA THR A 3 7.06 1.70 -12.27
C THR A 3 7.31 3.18 -11.88
N GLY A 4 8.16 3.35 -10.81
CA GLY A 4 8.71 4.65 -10.45
C GLY A 4 8.90 4.89 -8.95
N LYS A 5 9.47 6.11 -8.67
CA LYS A 5 9.56 6.67 -7.33
C LYS A 5 8.43 7.73 -7.27
N TYR A 6 7.40 7.43 -6.42
CA TYR A 6 6.24 8.30 -6.25
C TYR A 6 6.32 8.94 -4.86
N GLU A 7 5.93 10.25 -4.79
CA GLU A 7 5.71 10.91 -3.50
C GLU A 7 4.18 10.96 -3.27
N ILE A 8 3.78 11.14 -1.97
CA ILE A 8 2.35 11.22 -1.65
C ILE A 8 1.82 12.60 -2.16
N GLU A 9 0.68 12.54 -2.93
CA GLU A 9 -0.07 13.73 -3.37
C GLU A 9 -1.01 14.14 -2.20
N SER A 10 -1.69 13.11 -1.57
CA SER A 10 -2.54 13.30 -0.39
C SER A 10 -3.10 11.94 0.12
N GLU A 11 -3.58 11.99 1.42
CA GLU A 11 -4.26 10.89 2.11
C GLU A 11 -5.37 11.53 2.95
N LYS A 12 -6.39 10.69 3.36
CA LYS A 12 -7.52 11.26 4.09
C LYS A 12 -8.29 10.28 5.00
N ASN A 13 -7.61 9.12 5.37
CA ASN A 13 -8.36 8.13 6.17
C ASN A 13 -7.47 7.18 7.00
N TYR A 14 -6.17 7.60 7.20
CA TYR A 14 -5.16 6.62 7.60
C TYR A 14 -5.40 6.17 9.06
N ASP A 15 -5.67 7.19 9.94
CA ASP A 15 -5.53 7.02 11.40
C ASP A 15 -6.48 5.90 11.86
N GLU A 16 -7.76 6.01 11.38
CA GLU A 16 -8.80 5.05 11.74
C GLU A 16 -8.57 3.66 11.12
N PHE A 17 -7.87 3.64 9.94
CA PHE A 17 -7.55 2.38 9.27
C PHE A 17 -6.55 1.58 10.14
N MET A 18 -5.61 2.32 10.82
CA MET A 18 -4.51 1.64 11.52
C MET A 18 -5.07 0.80 12.69
N LYS A 19 -6.21 1.31 13.27
CA LYS A 19 -6.86 0.66 14.40
C LYS A 19 -7.58 -0.65 13.96
N ARG A 20 -8.07 -0.65 12.67
CA ARG A 20 -8.69 -1.86 12.13
C ARG A 20 -7.64 -2.92 11.73
N LEU A 21 -6.39 -2.42 11.41
CA LEU A 21 -5.28 -3.29 11.09
C LEU A 21 -4.63 -3.87 12.37
N ALA A 22 -4.72 -3.08 13.48
CA ALA A 22 -4.04 -3.35 14.74
C ALA A 22 -2.53 -3.06 14.62
N LEU A 23 -2.24 -1.81 14.09
CA LEU A 23 -0.88 -1.27 14.18
C LEU A 23 -0.73 -0.39 15.44
N PRO A 24 0.55 -0.23 15.90
CA PRO A 24 0.79 0.35 17.21
C PRO A 24 0.78 1.89 17.14
N SER A 25 1.06 2.46 18.36
CA SER A 25 1.13 3.90 18.55
C SER A 25 2.34 4.47 17.78
N ASP A 26 3.49 3.70 17.80
CA ASP A 26 4.76 4.03 17.11
C ASP A 26 4.66 3.65 15.61
N ALA A 27 3.51 4.11 15.03
CA ALA A 27 3.25 4.08 13.61
C ALA A 27 2.18 5.13 13.26
N ILE A 28 1.21 5.28 14.23
CA ILE A 28 0.09 6.21 14.07
C ILE A 28 0.54 7.65 14.36
N ASP A 29 1.53 7.82 15.28
CA ASP A 29 2.16 9.11 15.53
C ASP A 29 3.04 9.53 14.33
N LYS A 30 3.90 8.57 13.84
CA LYS A 30 5.05 8.98 13.05
C LYS A 30 4.72 9.07 11.56
N ALA A 31 3.40 8.84 11.25
CA ALA A 31 2.84 9.20 9.95
C ALA A 31 2.09 10.54 9.95
N ARG A 32 2.11 11.29 11.12
CA ARG A 32 1.23 12.44 11.29
C ARG A 32 1.67 13.66 10.44
N ASN A 33 1.31 13.56 9.13
CA ASN A 33 1.54 14.60 8.12
C ASN A 33 2.96 14.52 7.54
N LEU A 34 3.47 13.24 7.38
CA LEU A 34 4.67 13.04 6.60
C LEU A 34 4.35 13.09 5.09
N LYS A 35 5.44 13.46 4.33
CA LYS A 35 5.51 13.15 2.90
C LYS A 35 6.09 11.73 2.83
N ILE A 36 5.13 10.74 2.77
CA ILE A 36 5.49 9.33 2.54
C ILE A 36 5.87 9.25 1.03
N ILE A 37 6.78 8.25 0.72
CA ILE A 37 7.27 8.03 -0.63
C ILE A 37 6.93 6.56 -0.97
N SER A 38 6.12 6.38 -2.07
CA SER A 38 5.84 5.05 -2.59
C SER A 38 6.90 4.74 -3.67
N GLU A 39 7.77 3.73 -3.40
CA GLU A 39 8.70 3.24 -4.43
C GLU A 39 8.00 2.04 -5.08
N VAL A 40 8.20 1.89 -6.44
CA VAL A 40 7.61 0.79 -7.19
C VAL A 40 8.64 0.39 -8.25
N LYS A 41 9.50 -0.63 -7.88
CA LYS A 41 10.26 -1.35 -8.88
C LYS A 41 9.37 -2.54 -9.29
N GLN A 42 9.08 -2.59 -10.64
CA GLN A 42 8.38 -3.73 -11.23
C GLN A 42 9.47 -4.64 -11.80
N ASP A 43 9.31 -5.98 -11.55
CA ASP A 43 10.30 -6.99 -11.99
C ASP A 43 9.77 -7.65 -13.29
N GLY A 44 8.39 -7.73 -13.39
CA GLY A 44 7.74 -8.09 -14.64
C GLY A 44 6.27 -8.34 -14.30
N GLN A 45 5.96 -9.66 -14.08
CA GLN A 45 4.73 -10.08 -13.38
C GLN A 45 4.96 -9.99 -11.84
N ASN A 46 6.29 -9.98 -11.47
CA ASN A 46 6.69 -9.78 -10.09
C ASN A 46 6.86 -8.28 -9.88
N PHE A 47 6.75 -7.88 -8.58
CA PHE A 47 6.84 -6.49 -8.16
C PHE A 47 7.66 -6.44 -6.87
N THR A 48 8.32 -5.25 -6.67
CA THR A 48 9.04 -4.90 -5.46
C THR A 48 8.55 -3.48 -5.11
N TRP A 49 7.39 -3.47 -4.35
CA TRP A 49 6.78 -2.23 -3.87
C TRP A 49 7.49 -1.83 -2.57
N SER A 50 7.42 -0.51 -2.25
CA SER A 50 7.81 -0.01 -0.94
C SER A 50 7.02 1.26 -0.62
N GLN A 51 6.66 1.40 0.69
CA GLN A 51 6.15 2.66 1.26
C GLN A 51 7.22 3.10 2.27
N GLN A 52 8.08 4.07 1.78
CA GLN A 52 9.14 4.65 2.57
C GLN A 52 8.63 5.92 3.27
N TYR A 53 9.29 6.22 4.44
CA TYR A 53 8.54 6.78 5.57
C TYR A 53 9.57 7.53 6.41
N PRO A 54 9.75 8.88 6.20
CA PRO A 54 10.86 9.63 6.82
C PRO A 54 10.57 9.94 8.31
N GLY A 55 10.49 8.81 9.10
CA GLY A 55 10.13 8.84 10.51
C GLY A 55 10.71 7.63 11.25
N GLY A 56 11.75 6.99 10.60
CA GLY A 56 12.57 6.00 11.26
C GLY A 56 12.04 4.56 11.14
N HIS A 57 11.02 4.38 10.24
CA HIS A 57 10.51 3.06 9.86
C HIS A 57 10.37 3.11 8.32
N SER A 58 9.91 1.98 7.70
CA SER A 58 9.60 1.88 6.24
C SER A 58 9.06 0.46 6.01
N ILE A 59 8.37 0.26 4.84
CA ILE A 59 7.63 -0.98 4.59
C ILE A 59 7.86 -1.38 3.11
N THR A 60 8.79 -2.36 2.91
CA THR A 60 9.02 -2.98 1.59
C THR A 60 8.08 -4.19 1.44
N ASN A 61 7.83 -4.61 0.16
CA ASN A 61 7.02 -5.80 -0.15
C ASN A 61 7.36 -6.26 -1.57
N THR A 62 7.93 -7.51 -1.66
CA THR A 62 8.05 -8.20 -2.96
C THR A 62 6.78 -9.05 -3.09
N PHE A 63 6.17 -9.04 -4.32
CA PHE A 63 4.94 -9.78 -4.59
C PHE A 63 4.90 -10.23 -6.06
N THR A 64 3.90 -11.14 -6.37
CA THR A 64 3.65 -11.63 -7.73
C THR A 64 2.15 -11.51 -8.03
N ILE A 65 1.83 -11.06 -9.29
CA ILE A 65 0.44 -10.97 -9.74
C ILE A 65 0.00 -12.33 -10.31
N GLY A 66 -1.31 -12.68 -10.01
CA GLY A 66 -1.87 -13.94 -10.48
C GLY A 66 -1.47 -15.12 -9.61
N LYS A 67 -1.41 -14.85 -8.27
CA LYS A 67 -0.84 -15.80 -7.32
C LYS A 67 -1.37 -15.42 -5.93
N GLU A 68 -1.18 -16.36 -4.93
CA GLU A 68 -1.09 -15.92 -3.55
C GLU A 68 0.38 -15.56 -3.24
N CYS A 69 0.52 -14.58 -2.29
CA CYS A 69 1.80 -14.30 -1.64
C CYS A 69 1.56 -14.39 -0.13
N ASP A 70 2.69 -14.64 0.60
CA ASP A 70 2.70 -14.66 2.07
C ASP A 70 3.04 -13.23 2.49
N ILE A 71 2.48 -12.82 3.67
CA ILE A 71 2.68 -11.49 4.23
C ILE A 71 2.72 -11.61 5.77
N GLU A 72 3.76 -10.94 6.37
CA GLU A 72 4.03 -11.03 7.79
C GLU A 72 4.12 -9.61 8.36
N THR A 73 4.26 -9.56 9.72
CA THR A 73 4.82 -8.44 10.47
C THR A 73 3.80 -7.32 10.81
N ILE A 74 2.99 -6.91 9.77
CA ILE A 74 2.28 -5.62 9.81
C ILE A 74 1.05 -5.81 10.75
N GLY A 75 1.37 -5.65 12.08
CA GLY A 75 0.45 -5.94 13.17
C GLY A 75 0.51 -7.40 13.65
N GLY A 76 1.69 -8.07 13.40
CA GLY A 76 2.02 -9.26 14.17
C GLY A 76 1.27 -10.54 13.79
N LYS A 77 0.70 -10.53 12.53
CA LYS A 77 0.10 -11.74 11.98
C LYS A 77 1.08 -12.35 10.96
N LYS A 78 0.71 -13.59 10.52
CA LYS A 78 1.30 -14.31 9.39
C LYS A 78 0.08 -14.64 8.51
N PHE A 79 -0.16 -13.75 7.49
CA PHE A 79 -1.25 -13.96 6.53
C PHE A 79 -0.68 -14.53 5.21
N LYS A 80 -1.59 -15.26 4.46
CA LYS A 80 -1.46 -15.25 3.01
C LYS A 80 -2.46 -14.21 2.46
N ALA A 81 -2.20 -13.83 1.16
CA ALA A 81 -3.04 -12.91 0.44
C ALA A 81 -3.03 -13.32 -1.04
N THR A 82 -4.23 -13.18 -1.69
CA THR A 82 -4.29 -13.27 -3.15
C THR A 82 -3.86 -11.90 -3.71
N VAL A 83 -3.12 -11.96 -4.86
CA VAL A 83 -2.50 -10.78 -5.43
C VAL A 83 -2.73 -10.88 -6.95
N GLN A 84 -3.24 -9.73 -7.50
CA GLN A 84 -4.04 -9.76 -8.71
C GLN A 84 -3.90 -8.41 -9.44
N MET A 85 -4.37 -8.45 -10.73
CA MET A 85 -4.68 -7.25 -11.49
C MET A 85 -6.20 -7.32 -11.70
N GLU A 86 -6.90 -6.27 -11.16
CA GLU A 86 -8.27 -5.99 -11.58
C GLU A 86 -8.11 -5.19 -12.90
N GLY A 87 -9.25 -4.73 -13.50
CA GLY A 87 -9.21 -4.28 -14.88
C GLY A 87 -8.46 -2.95 -15.06
N GLY A 88 -7.10 -3.09 -15.26
CA GLY A 88 -6.17 -1.98 -15.41
C GLY A 88 -5.40 -1.59 -14.12
N LYS A 89 -6.08 -1.87 -12.95
CA LYS A 89 -5.49 -1.57 -11.64
C LYS A 89 -4.88 -2.86 -11.06
N VAL A 90 -3.76 -2.68 -10.27
CA VAL A 90 -3.20 -3.77 -9.48
C VAL A 90 -4.05 -3.87 -8.19
N VAL A 91 -3.94 -5.05 -7.50
CA VAL A 91 -4.72 -5.29 -6.30
C VAL A 91 -4.11 -6.42 -5.43
N VAL A 92 -4.18 -6.15 -4.07
CA VAL A 92 -4.01 -7.20 -3.07
C VAL A 92 -5.42 -7.42 -2.44
N ASN A 93 -5.73 -8.74 -2.18
CA ASN A 93 -7.05 -9.18 -1.67
C ASN A 93 -6.77 -10.30 -0.66
N SER A 94 -7.41 -10.20 0.56
CA SER A 94 -7.15 -11.16 1.64
C SER A 94 -8.32 -11.14 2.66
N PRO A 95 -8.32 -12.04 3.70
CA PRO A 95 -9.48 -12.12 4.59
C PRO A 95 -9.67 -10.82 5.39
N ASN A 96 -10.87 -10.17 5.12
CA ASN A 96 -11.25 -8.90 5.74
C ASN A 96 -10.42 -7.72 5.16
N TYR A 97 -10.10 -7.81 3.82
CA TYR A 97 -9.16 -6.84 3.25
C TYR A 97 -9.16 -6.88 1.70
N HIS A 98 -9.51 -5.70 1.08
CA HIS A 98 -9.30 -5.46 -0.37
C HIS A 98 -8.39 -4.23 -0.44
N HIS A 99 -7.51 -4.18 -1.51
CA HIS A 99 -6.58 -3.06 -1.67
C HIS A 99 -6.25 -2.95 -3.15
N THR A 100 -7.04 -2.10 -3.87
CA THR A 100 -6.72 -1.79 -5.26
C THR A 100 -5.61 -0.71 -5.33
N ALA A 101 -5.02 -0.61 -6.57
CA ALA A 101 -3.89 0.26 -6.85
C ALA A 101 -3.99 0.62 -8.36
N GLU A 102 -4.76 1.72 -8.61
CA GLU A 102 -5.14 2.24 -9.93
C GLU A 102 -4.18 3.38 -10.34
N ILE A 103 -4.14 3.65 -11.69
CA ILE A 103 -3.38 4.77 -12.25
C ILE A 103 -4.36 5.87 -12.73
N VAL A 104 -3.96 7.16 -12.45
CA VAL A 104 -4.57 8.31 -13.14
C VAL A 104 -3.50 9.41 -13.20
N ASP A 105 -3.53 10.27 -14.27
CA ASP A 105 -2.63 11.43 -14.40
C ASP A 105 -1.09 11.13 -14.37
N GLY A 106 -0.77 9.79 -14.55
CA GLY A 106 0.57 9.27 -14.35
C GLY A 106 0.94 8.94 -12.89
N LYS A 107 0.03 9.38 -11.95
CA LYS A 107 0.06 9.05 -10.54
C LYS A 107 -0.58 7.68 -10.28
N LEU A 108 -0.31 7.20 -9.02
CA LEU A 108 -1.02 6.06 -8.43
C LEU A 108 -2.19 6.64 -7.61
N VAL A 109 -3.34 5.91 -7.68
CA VAL A 109 -4.44 6.04 -6.71
C VAL A 109 -4.51 4.63 -6.07
N GLU A 110 -4.35 4.57 -4.71
CA GLU A 110 -4.72 3.35 -4.03
C GLU A 110 -6.10 3.56 -3.38
N VAL A 111 -6.85 2.41 -3.24
CA VAL A 111 -8.00 2.35 -2.34
C VAL A 111 -7.85 1.03 -1.57
N SER A 112 -7.60 1.19 -0.23
CA SER A 112 -7.73 0.07 0.70
C SER A 112 -9.14 0.07 1.30
N THR A 113 -9.61 -1.17 1.66
CA THR A 113 -10.95 -1.39 2.22
C THR A 113 -10.78 -2.56 3.20
N VAL A 114 -11.18 -2.27 4.49
CA VAL A 114 -11.03 -3.18 5.63
C VAL A 114 -12.42 -3.24 6.31
N GLY A 115 -12.49 -4.02 7.44
CA GLY A 115 -13.77 -4.17 8.12
C GLY A 115 -14.27 -2.83 8.71
N GLY A 116 -15.18 -2.19 7.90
CA GLY A 116 -15.90 -1.01 8.32
C GLY A 116 -15.25 0.34 8.01
N VAL A 117 -14.09 0.33 7.29
CA VAL A 117 -13.40 1.57 6.90
C VAL A 117 -12.85 1.33 5.47
N SER A 118 -12.73 2.47 4.69
CA SER A 118 -11.85 2.48 3.52
C SER A 118 -10.82 3.60 3.68
N TYR A 119 -9.74 3.50 2.86
CA TYR A 119 -8.55 4.35 2.98
C TYR A 119 -7.95 4.42 1.59
N GLU A 120 -8.30 5.55 0.93
CA GLU A 120 -7.70 5.94 -0.33
C GLU A 120 -6.45 6.81 -0.09
N ARG A 121 -5.59 6.71 -1.15
CA ARG A 121 -4.30 7.38 -1.20
C ARG A 121 -4.19 7.86 -2.63
N VAL A 122 -3.54 9.06 -2.78
CA VAL A 122 -3.14 9.54 -4.09
C VAL A 122 -1.62 9.84 -3.99
N SER A 123 -0.83 9.12 -4.84
CA SER A 123 0.64 9.15 -4.82
C SER A 123 1.13 9.61 -6.20
N LYS A 124 1.74 10.84 -6.24
CA LYS A 124 2.23 11.44 -7.47
C LYS A 124 3.59 10.87 -7.89
N LYS A 125 3.71 10.62 -9.24
CA LYS A 125 5.02 10.36 -9.82
C LYS A 125 5.54 11.72 -10.29
N LEU A 126 6.76 12.08 -9.76
CA LEU A 126 7.40 13.35 -10.10
C LEU A 126 8.93 13.30 -9.94
N ALA A 127 9.47 12.03 -10.03
CA ALA A 127 10.90 11.76 -9.98
C ALA A 127 11.16 10.42 -10.65
C GCH B . 0.90 -1.85 -1.86
O GCH B . -0.19 -1.71 -2.76
C1 GCH B . 0.59 -1.14 -0.54
C2 GCH B . 1.67 -1.33 0.53
C3 GCH B . 2.02 -2.83 0.76
C4 GCH B . 2.33 -3.49 -0.61
C5 GCH B . 1.20 -3.32 -1.63
C6 GCH B . 3.33 -2.90 1.58
C7 GCH B . 1.28 -0.61 1.84
C8 GCH B . 0.20 -1.32 2.67
O1 GCH B . -1.06 -1.10 2.05
C9 GCH B . 0.51 -2.83 2.86
C10 GCH B . 0.84 -3.53 1.51
C11 GCH B . 1.03 -5.05 1.68
C12 GCH B . -0.14 -5.74 2.41
C13 GCH B . -0.42 -5.09 3.78
C14 GCH B . -0.66 -3.57 3.52
C15 GCH B . -1.16 -3.04 4.85
C16 GCH B . -1.97 -4.20 5.43
C17 GCH B . -1.78 -5.42 4.48
C18 GCH B . -2.00 -6.80 5.19
C19 GCH B . -2.05 -7.95 4.19
C20 GCH B . -3.32 -6.77 6.02
C21 GCH B . -3.63 -8.06 6.77
C22 GCH B . -4.56 -7.80 7.94
N GCH B . -5.90 -7.95 7.68
CA GCH B . -6.88 -7.94 8.74
O2 GCH B . -4.12 -7.43 9.03
C23 GCH B . 0.76 -5.36 4.73
O3 GCH B . -1.30 -5.67 1.57
C24 GCH B . -7.20 -6.55 9.28
O4 GCH B . -7.65 -6.58 10.55
O5 GCH B . -7.10 -5.49 8.67
H12 GCH B . 1.77 -1.39 -2.32
H1 GCH B . -0.17 -0.77 -3.04
H10 GCH B . 0.46 -0.07 -0.74
H11 GCH B . -0.39 -1.49 -0.20
H9 GCH B . 2.57 -0.81 0.16
H4 GCH B . 2.57 -4.54 -0.51
H5 GCH B . 3.22 -3.03 -1.04
H2 GCH B . 1.46 -3.79 -2.57
H3 GCH B . 0.29 -3.85 -1.30
H6 GCH B . 3.64 -3.93 1.76
H7 GCH B . 4.16 -2.40 1.06
H8 GCH B . 3.25 -2.42 2.56
H17 GCH B . 0.93 0.41 1.61
H18 GCH B . 2.18 -0.49 2.46
H16 GCH B . 0.16 -0.84 3.65
H13 GCH B . -1.75 -1.34 2.69
H15 GCH B . 1.38 -2.90 3.52
H14 GCH B . -0.05 -3.42 0.88
H41 GCH B . 1.12 -5.52 0.70
H42 GCH B . 1.96 -5.28 2.22
H40 GCH B . 0.10 -6.81 2.52
H35 GCH B . -1.50 -3.49 2.82
H33 GCH B . -0.34 -2.78 5.52
H34 GCH B . -1.80 -2.15 4.74
H31 GCH B . -3.03 -3.94 5.49
H32 GCH B . -1.61 -4.43 6.44
H30 GCH B . -2.57 -5.36 3.72
H29 GCH B . -1.17 -6.97 5.89
H19 GCH B . -2.18 -8.91 4.70
H20 GCH B . -2.87 -7.83 3.48
H21 GCH B . -1.12 -8.04 3.62
H27 GCH B . -3.25 -5.97 6.76
H28 GCH B . -4.16 -6.51 5.38
H25 GCH B . -4.09 -8.79 6.09
H26 GCH B . -2.72 -8.51 7.17
H24 GCH B . -6.18 -8.33 6.78
H22 GCH B . -6.49 -8.55 9.57
H23 GCH B . -7.80 -8.38 8.37
H36 GCH B . 0.90 -6.43 4.88
H37 GCH B . 1.70 -4.96 4.37
H38 GCH B . 0.60 -4.93 5.72
H39 GCH B . -1.02 -6.02 0.71
H43 GCH B . -7.81 -5.63 10.84
N ALA A 1 3.81 2.33 -16.37
CA ALA A 1 3.45 3.39 -15.41
C ALA A 1 3.83 2.94 -13.98
N PHE A 2 3.77 1.59 -13.79
CA PHE A 2 4.07 0.92 -12.52
C PHE A 2 5.60 0.76 -12.37
N THR A 3 6.31 1.95 -12.27
CA THR A 3 7.65 1.94 -11.69
C THR A 3 7.92 3.33 -11.04
N GLY A 4 9.08 3.39 -10.30
CA GLY A 4 9.33 4.44 -9.33
C GLY A 4 9.65 5.82 -9.94
N LYS A 5 9.94 6.83 -9.08
CA LYS A 5 9.43 6.93 -7.71
C LYS A 5 7.94 7.32 -7.88
N TYR A 6 7.20 7.21 -6.74
CA TYR A 6 5.95 7.93 -6.56
C TYR A 6 6.08 8.65 -5.22
N GLU A 7 5.21 9.70 -5.04
CA GLU A 7 5.32 10.58 -3.88
C GLU A 7 3.87 10.94 -3.54
N ILE A 8 3.61 11.08 -2.20
CA ILE A 8 2.24 11.20 -1.73
C ILE A 8 1.69 12.63 -2.02
N GLU A 9 0.45 12.60 -2.64
CA GLU A 9 -0.36 13.80 -2.90
C GLU A 9 -1.25 14.02 -1.64
N SER A 10 -1.86 12.89 -1.13
CA SER A 10 -2.57 12.87 0.15
C SER A 10 -2.99 11.44 0.51
N GLU A 11 -3.15 11.22 1.86
CA GLU A 11 -3.76 10.02 2.45
C GLU A 11 -4.92 10.55 3.31
N LYS A 12 -6.18 10.08 3.03
CA LYS A 12 -7.35 10.78 3.59
C LYS A 12 -8.01 10.07 4.79
N ASN A 13 -7.47 8.85 5.16
CA ASN A 13 -8.21 7.98 6.08
C ASN A 13 -7.28 7.10 6.94
N TYR A 14 -6.00 7.61 7.08
CA TYR A 14 -4.93 6.79 7.68
C TYR A 14 -5.24 6.51 9.16
N ASP A 15 -5.76 7.57 9.87
CA ASP A 15 -5.83 7.53 11.33
C ASP A 15 -6.86 6.45 11.74
N GLU A 16 -8.03 6.51 11.01
CA GLU A 16 -9.17 5.63 11.27
C GLU A 16 -8.78 4.16 10.98
N PHE A 17 -7.98 3.98 9.88
CA PHE A 17 -7.63 2.64 9.40
C PHE A 17 -6.71 1.95 10.41
N MET A 18 -5.76 2.75 11.00
CA MET A 18 -4.80 2.22 11.96
C MET A 18 -5.48 1.80 13.28
N LYS A 19 -6.65 2.45 13.59
CA LYS A 19 -7.47 2.04 14.73
C LYS A 19 -8.13 0.67 14.46
N ARG A 20 -8.42 0.37 13.15
CA ARG A 20 -8.91 -0.95 12.78
C ARG A 20 -7.82 -2.04 12.86
N LEU A 21 -6.54 -1.62 12.50
CA LEU A 21 -5.42 -2.56 12.53
C LEU A 21 -4.93 -2.83 13.98
N ALA A 22 -5.37 -1.91 14.90
CA ALA A 22 -5.22 -1.97 16.35
C ALA A 22 -3.88 -1.41 16.85
N LEU A 23 -3.45 -0.27 16.19
CA LEU A 23 -2.37 0.53 16.74
C LEU A 23 -2.96 1.66 17.59
N PRO A 24 -2.18 2.11 18.65
CA PRO A 24 -2.65 3.17 19.51
C PRO A 24 -2.34 4.54 18.89
N SER A 25 -3.14 5.55 19.37
CA SER A 25 -2.82 6.97 19.10
C SER A 25 -1.73 7.45 20.09
N ASP A 26 -0.54 6.79 19.93
CA ASP A 26 0.75 7.35 20.31
C ASP A 26 1.68 7.10 19.10
N ALA A 27 1.56 5.82 18.56
CA ALA A 27 2.44 5.37 17.48
C ALA A 27 2.01 6.01 16.15
N ILE A 28 0.65 6.13 15.97
CA ILE A 28 0.07 6.73 14.76
C ILE A 28 0.45 8.21 14.75
N ASP A 29 0.46 8.82 15.99
CA ASP A 29 0.55 10.28 16.10
C ASP A 29 1.96 10.77 15.71
N LYS A 30 2.94 9.79 15.71
CA LYS A 30 4.29 9.97 15.20
C LYS A 30 4.45 9.48 13.74
N ALA A 31 3.32 9.60 12.97
CA ALA A 31 3.32 9.13 11.58
C ALA A 31 2.32 9.89 10.68
N ARG A 32 1.55 10.86 11.29
CA ARG A 32 0.74 11.73 10.49
C ARG A 32 1.60 12.85 9.88
N ASN A 33 1.11 13.35 8.68
CA ASN A 33 1.63 14.58 8.10
C ASN A 33 3.07 14.45 7.58
N LEU A 34 3.48 13.15 7.39
CA LEU A 34 4.73 12.83 6.71
C LEU A 34 4.42 12.67 5.22
N LYS A 35 5.52 12.90 4.42
CA LYS A 35 5.49 12.51 3.02
C LYS A 35 6.18 11.13 2.98
N ILE A 36 5.30 10.09 2.84
CA ILE A 36 5.74 8.73 2.57
C ILE A 36 6.09 8.71 1.07
N ILE A 37 7.43 8.61 0.79
CA ILE A 37 7.90 8.46 -0.59
C ILE A 37 7.65 6.96 -0.92
N SER A 38 7.29 6.70 -2.21
CA SER A 38 6.99 5.34 -2.68
C SER A 38 7.86 4.97 -3.87
N GLU A 39 8.15 3.62 -3.98
CA GLU A 39 9.20 3.12 -4.86
C GLU A 39 8.62 1.80 -5.43
N VAL A 40 8.16 1.88 -6.72
CA VAL A 40 7.57 0.71 -7.38
C VAL A 40 8.59 0.28 -8.44
N LYS A 41 8.50 -1.02 -8.87
CA LYS A 41 9.16 -1.52 -10.08
C LYS A 41 8.43 -2.83 -10.46
N GLN A 42 7.86 -2.83 -11.70
CA GLN A 42 7.33 -4.04 -12.34
C GLN A 42 8.52 -4.74 -13.02
N ASP A 43 8.66 -6.09 -12.76
CA ASP A 43 9.71 -6.89 -13.39
C ASP A 43 9.16 -7.44 -14.72
N GLY A 44 7.82 -7.79 -14.68
CA GLY A 44 7.12 -8.27 -15.85
C GLY A 44 5.72 -8.63 -15.39
N GLN A 45 5.53 -9.96 -15.07
CA GLN A 45 4.38 -10.39 -14.27
C GLN A 45 4.76 -10.47 -12.77
N ASN A 46 6.09 -10.29 -12.47
CA ASN A 46 6.55 -10.14 -11.10
C ASN A 46 6.67 -8.63 -10.84
N PHE A 47 6.60 -8.28 -9.52
CA PHE A 47 6.65 -6.90 -9.06
C PHE A 47 7.52 -6.82 -7.80
N THR A 48 8.23 -5.64 -7.68
CA THR A 48 8.85 -5.20 -6.45
C THR A 48 8.13 -3.89 -6.04
N TRP A 49 7.91 -3.73 -4.69
CA TRP A 49 7.12 -2.60 -4.19
C TRP A 49 7.67 -2.24 -2.80
N SER A 50 7.93 -0.91 -2.62
CA SER A 50 8.55 -0.40 -1.40
C SER A 50 8.02 1.01 -1.13
N GLN A 51 8.07 1.39 0.20
CA GLN A 51 7.73 2.75 0.62
C GLN A 51 8.72 3.18 1.70
N GLN A 52 8.99 4.52 1.75
CA GLN A 52 9.92 5.10 2.71
C GLN A 52 9.11 5.82 3.79
N TYR A 53 9.47 5.48 5.07
CA TYR A 53 9.12 6.32 6.23
C TYR A 53 10.43 7.09 6.52
N PRO A 54 10.38 8.46 6.67
CA PRO A 54 11.59 9.24 6.93
C PRO A 54 11.99 9.07 8.40
N GLY A 55 12.84 8.00 8.62
CA GLY A 55 13.29 7.62 9.95
C GLY A 55 13.27 6.11 10.24
N GLY A 56 13.53 5.28 9.18
CA GLY A 56 14.05 3.94 9.42
C GLY A 56 12.97 2.89 9.70
N HIS A 57 11.79 3.09 9.02
CA HIS A 57 10.70 2.10 9.03
C HIS A 57 10.11 2.08 7.61
N SER A 58 11.05 1.88 6.62
CA SER A 58 10.63 1.69 5.25
C SER A 58 9.96 0.31 5.10
N ILE A 59 8.93 0.30 4.18
CA ILE A 59 8.23 -0.92 3.83
C ILE A 59 8.92 -1.43 2.54
N THR A 60 8.92 -2.78 2.37
CA THR A 60 9.42 -3.43 1.14
C THR A 60 8.72 -4.79 1.04
N ASN A 61 8.42 -5.20 -0.24
CA ASN A 61 7.75 -6.46 -0.53
C ASN A 61 8.05 -6.78 -2.01
N THR A 62 8.24 -8.12 -2.28
CA THR A 62 8.31 -8.64 -3.65
C THR A 62 7.11 -9.57 -3.80
N PHE A 63 6.47 -9.57 -5.01
CA PHE A 63 5.29 -10.39 -5.23
C PHE A 63 5.10 -10.66 -6.75
N THR A 64 4.39 -11.79 -7.04
CA THR A 64 4.04 -12.17 -8.41
C THR A 64 2.53 -11.96 -8.57
N ILE A 65 2.14 -11.45 -9.78
CA ILE A 65 0.73 -11.23 -10.09
C ILE A 65 0.10 -12.56 -10.58
N GLY A 66 -1.20 -12.74 -10.13
CA GLY A 66 -2.05 -13.79 -10.67
C GLY A 66 -1.99 -15.12 -9.93
N LYS A 67 -1.56 -15.05 -8.62
CA LYS A 67 -1.61 -16.22 -7.76
C LYS A 67 -1.67 -15.77 -6.28
N GLU A 68 -1.30 -16.71 -5.35
CA GLU A 68 -1.04 -16.33 -3.97
C GLU A 68 0.34 -15.65 -3.89
N CYS A 69 0.62 -15.04 -2.71
CA CYS A 69 1.98 -14.93 -2.17
C CYS A 69 1.80 -14.94 -0.64
N ASP A 70 2.94 -15.15 0.10
CA ASP A 70 2.95 -14.89 1.55
C ASP A 70 3.32 -13.40 1.73
N ILE A 71 2.59 -12.72 2.66
CA ILE A 71 2.64 -11.26 2.81
C ILE A 71 2.53 -10.93 4.33
N GLU A 72 3.26 -9.84 4.73
CA GLU A 72 3.22 -9.28 6.10
C GLU A 72 3.95 -7.92 6.07
N THR A 73 3.54 -7.04 7.06
CA THR A 73 4.50 -6.24 7.84
C THR A 73 3.84 -5.42 9.00
N ILE A 74 2.65 -5.87 9.54
CA ILE A 74 1.91 -5.12 10.56
C ILE A 74 1.39 -6.09 11.68
N GLY A 75 2.37 -6.91 12.20
CA GLY A 75 2.30 -7.38 13.58
C GLY A 75 1.83 -8.82 13.82
N GLY A 76 2.49 -9.77 13.07
CA GLY A 76 2.22 -11.19 13.24
C GLY A 76 1.08 -11.73 12.36
N LYS A 77 0.52 -10.83 11.50
CA LYS A 77 -0.52 -11.19 10.54
C LYS A 77 0.15 -11.65 9.25
N LYS A 78 0.93 -12.79 9.41
CA LYS A 78 1.75 -13.34 8.35
C LYS A 78 0.83 -14.23 7.49
N PHE A 79 0.00 -13.54 6.64
CA PHE A 79 -0.97 -14.19 5.79
C PHE A 79 -0.25 -14.82 4.58
N LYS A 80 -0.84 -15.98 4.11
CA LYS A 80 -0.80 -16.23 2.68
C LYS A 80 -2.04 -15.49 2.15
N ALA A 81 -1.78 -14.66 1.09
CA ALA A 81 -2.74 -13.72 0.54
C ALA A 81 -2.82 -13.94 -0.98
N THR A 82 -3.99 -13.48 -1.55
CA THR A 82 -4.12 -13.47 -3.02
C THR A 82 -3.58 -12.14 -3.55
N VAL A 83 -2.97 -12.19 -4.77
CA VAL A 83 -2.30 -11.03 -5.35
C VAL A 83 -2.40 -11.10 -6.89
N GLN A 84 -2.87 -9.95 -7.48
CA GLN A 84 -3.69 -10.04 -8.69
C GLN A 84 -3.73 -8.64 -9.37
N MET A 85 -4.16 -8.66 -10.67
CA MET A 85 -4.38 -7.45 -11.47
C MET A 85 -5.92 -7.36 -11.68
N GLU A 86 -6.59 -6.56 -10.78
CA GLU A 86 -8.03 -6.31 -10.85
C GLU A 86 -8.36 -5.24 -11.94
N GLY A 87 -7.84 -5.49 -13.20
CA GLY A 87 -8.47 -4.88 -14.36
C GLY A 87 -8.08 -3.42 -14.59
N GLY A 88 -6.72 -3.19 -14.67
CA GLY A 88 -6.17 -1.84 -14.74
C GLY A 88 -5.66 -1.35 -13.38
N LYS A 89 -5.95 -2.21 -12.34
CA LYS A 89 -5.55 -2.04 -10.97
C LYS A 89 -4.68 -3.27 -10.63
N VAL A 90 -3.53 -3.02 -9.93
CA VAL A 90 -2.89 -4.09 -9.17
C VAL A 90 -3.69 -4.20 -7.86
N VAL A 91 -3.61 -5.41 -7.21
CA VAL A 91 -4.33 -5.64 -5.98
C VAL A 91 -3.65 -6.73 -5.14
N VAL A 92 -3.70 -6.51 -3.78
CA VAL A 92 -3.58 -7.60 -2.81
C VAL A 92 -4.97 -7.75 -2.15
N ASN A 93 -5.39 -9.05 -1.98
CA ASN A 93 -6.66 -9.40 -1.37
C ASN A 93 -6.42 -10.49 -0.31
N SER A 94 -7.21 -10.39 0.80
CA SER A 94 -7.16 -11.32 1.93
C SER A 94 -8.55 -11.23 2.62
N PRO A 95 -8.89 -12.13 3.61
CA PRO A 95 -10.31 -12.43 3.86
C PRO A 95 -11.24 -11.28 4.30
N ASN A 96 -10.64 -10.24 4.97
CA ASN A 96 -11.38 -9.03 5.32
C ASN A 96 -10.51 -7.78 5.10
N TYR A 97 -9.76 -7.86 3.93
CA TYR A 97 -8.71 -6.89 3.61
C TYR A 97 -8.51 -6.90 2.09
N HIS A 98 -9.18 -5.91 1.40
CA HIS A 98 -8.97 -5.67 -0.04
C HIS A 98 -8.03 -4.44 -0.13
N HIS A 99 -7.14 -4.45 -1.17
CA HIS A 99 -6.15 -3.36 -1.28
C HIS A 99 -5.73 -3.22 -2.74
N THR A 100 -6.47 -2.33 -3.49
CA THR A 100 -6.11 -2.03 -4.88
C THR A 100 -5.05 -0.91 -4.96
N ALA A 101 -4.34 -0.89 -6.14
CA ALA A 101 -3.37 0.12 -6.52
C ALA A 101 -3.48 0.32 -8.04
N GLU A 102 -3.62 1.62 -8.47
CA GLU A 102 -4.23 1.90 -9.76
C GLU A 102 -3.81 3.28 -10.29
N ILE A 103 -3.83 3.40 -11.66
CA ILE A 103 -3.22 4.53 -12.34
C ILE A 103 -4.33 5.43 -12.90
N VAL A 104 -4.12 6.78 -12.74
CA VAL A 104 -4.97 7.78 -13.39
C VAL A 104 -4.03 8.70 -14.22
N ASP A 105 -4.01 10.03 -13.91
CA ASP A 105 -3.24 11.08 -14.63
C ASP A 105 -1.74 11.06 -14.23
N GLY A 106 -1.20 9.80 -14.10
CA GLY A 106 0.10 9.61 -13.52
C GLY A 106 0.09 9.96 -12.02
N LYS A 107 -1.19 10.02 -11.47
CA LYS A 107 -1.40 9.61 -10.10
C LYS A 107 -1.29 8.07 -10.12
N LEU A 108 -0.64 7.54 -9.05
CA LEU A 108 -0.89 6.17 -8.60
C LEU A 108 -1.89 6.41 -7.45
N VAL A 109 -3.20 6.13 -7.79
CA VAL A 109 -4.25 6.11 -6.78
C VAL A 109 -4.16 4.71 -6.13
N GLU A 110 -4.57 4.66 -4.83
CA GLU A 110 -4.49 3.43 -4.06
C GLU A 110 -5.68 3.46 -3.10
N VAL A 111 -6.28 2.24 -2.89
CA VAL A 111 -7.46 2.12 -2.04
C VAL A 111 -7.28 0.81 -1.25
N SER A 112 -6.91 1.00 0.08
CA SER A 112 -7.15 -0.06 1.04
C SER A 112 -8.64 -0.01 1.43
N THR A 113 -9.16 -1.20 1.86
CA THR A 113 -10.54 -1.33 2.32
C THR A 113 -10.55 -2.52 3.28
N VAL A 114 -10.68 -2.14 4.60
CA VAL A 114 -10.91 -3.10 5.68
C VAL A 114 -12.44 -3.23 5.80
N GLY A 115 -12.87 -4.37 6.41
CA GLY A 115 -14.26 -4.52 6.78
C GLY A 115 -14.57 -3.57 7.95
N GLY A 116 -15.03 -2.33 7.53
CA GLY A 116 -15.41 -1.29 8.47
C GLY A 116 -14.65 0.05 8.37
N VAL A 117 -13.81 0.21 7.27
CA VAL A 117 -13.39 1.53 6.79
C VAL A 117 -12.69 1.40 5.40
N SER A 118 -12.86 2.49 4.57
CA SER A 118 -12.01 2.69 3.40
C SER A 118 -10.76 3.48 3.81
N TYR A 119 -9.72 3.40 2.91
CA TYR A 119 -8.46 4.13 3.08
C TYR A 119 -7.91 4.34 1.68
N GLU A 120 -8.42 5.48 1.11
CA GLU A 120 -8.03 5.97 -0.18
C GLU A 120 -6.77 6.85 0.02
N ARG A 121 -5.93 6.80 -1.06
CA ARG A 121 -4.60 7.35 -1.05
C ARG A 121 -4.28 7.73 -2.50
N VAL A 122 -3.76 9.00 -2.64
CA VAL A 122 -3.38 9.52 -3.93
C VAL A 122 -1.88 9.83 -3.85
N SER A 123 -1.08 9.12 -4.71
CA SER A 123 0.32 9.43 -4.94
C SER A 123 0.45 9.99 -6.36
N LYS A 124 1.54 10.79 -6.59
CA LYS A 124 1.83 11.41 -7.88
C LYS A 124 3.30 11.12 -8.21
N LYS A 125 3.60 11.11 -9.56
CA LYS A 125 4.98 10.93 -10.00
C LYS A 125 5.69 12.30 -9.98
N LEU A 126 5.93 12.80 -8.72
CA LEU A 126 6.79 13.95 -8.47
C LEU A 126 8.20 13.33 -8.42
N ALA A 127 8.64 12.97 -9.66
CA ALA A 127 9.76 12.08 -9.97
C ALA A 127 9.51 10.65 -9.48
C GCH B . 0.92 -2.26 -2.16
O GCH B . -0.29 -1.83 -2.80
C1 GCH B . 1.10 -1.48 -0.86
C2 GCH B . 2.29 -1.97 -0.01
C3 GCH B . 2.25 -3.51 0.23
C4 GCH B . 2.05 -4.23 -1.13
C5 GCH B . 0.83 -3.75 -1.91
C6 GCH B . 3.64 -3.96 0.76
C7 GCH B . 2.41 -1.16 1.30
C8 GCH B . 1.39 -1.55 2.38
O1 GCH B . 0.10 -1.02 2.06
C9 GCH B . 1.32 -3.07 2.62
C10 GCH B . 1.12 -3.85 1.27
C11 GCH B . 0.92 -5.36 1.51
C12 GCH B . -0.13 -5.71 2.58
C13 GCH B . 0.19 -5.00 3.92
C14 GCH B . 0.21 -3.47 3.60
C15 GCH B . 0.24 -2.83 4.99
C16 GCH B . -0.65 -3.73 5.83
C17 GCH B . -0.92 -5.04 5.01
C18 GCH B . -1.04 -6.28 5.94
C19 GCH B . -1.27 -7.57 5.15
C20 GCH B . -2.19 -6.08 6.97
C21 GCH B . -2.10 -7.05 8.16
C22 GCH B . -3.27 -6.89 9.10
N GCH B . -4.47 -7.26 8.56
CA GCH B . -5.71 -7.26 9.30
O2 GCH B . -3.14 -6.49 10.26
C23 GCH B . 1.52 -5.54 4.49
O3 GCH B . -1.42 -5.33 2.09
C24 GCH B . -6.77 -8.00 8.51
O4 GCH B . -7.98 -7.97 9.10
O5 GCH B . -6.58 -8.58 7.44
H12 GCH B . 1.74 -2.05 -2.84
H1 GCH B . -0.26 -0.85 -2.86
H10 GCH B . 1.24 -0.42 -1.10
H11 GCH B . 0.17 -1.52 -0.29
H9 GCH B . 3.19 -1.74 -0.60
H4 GCH B . 2.01 -5.32 -1.00
H5 GCH B . 2.93 -4.06 -1.76
H2 GCH B . 0.76 -4.28 -2.86
H3 GCH B . -0.09 -4.00 -1.37
H6 GCH B . 3.90 -3.56 1.73
H7 GCH B . 3.70 -5.05 0.83
H8 GCH B . 4.43 -3.64 0.07
H17 GCH B . 2.30 -0.10 1.07
H18 GCH B . 3.41 -1.30 1.70
H16 GCH B . 1.69 -1.06 3.32
H13 GCH B . 0.20 -0.04 2.07
H15 GCH B . 2.28 -3.35 3.05
H14 GCH B . 0.17 -3.50 0.86
H41 GCH B . 0.60 -5.83 0.57
H42 GCH B . 1.87 -5.84 1.77
H40 GCH B . -0.17 -6.79 2.72
H35 GCH B . -0.75 -3.19 3.16
H33 GCH B . 1.26 -2.80 5.40
H34 GCH B . -0.14 -1.80 4.97
H31 GCH B . -1.60 -3.23 6.07
H32 GCH B . -0.16 -3.96 6.77
H30 GCH B . -1.89 -4.92 4.52
H29 GCH B . -0.11 -6.39 6.51
H19 GCH B . -1.47 -8.43 5.81
H20 GCH B . -2.12 -7.47 4.47
H21 GCH B . -0.39 -7.85 4.57
H27 GCH B . -2.20 -5.07 7.37
H28 GCH B . -3.15 -6.21 6.46
H25 GCH B . -2.07 -8.09 7.84
H26 GCH B . -1.17 -6.86 8.72
H24 GCH B . -4.52 -7.58 7.60
H22 GCH B . -6.03 -6.22 9.44
H23 GCH B . -5.56 -7.74 10.27
H36 GCH B . 1.49 -6.63 4.62
H37 GCH B . 2.38 -5.32 3.85
H38 GCH B . 1.74 -5.11 5.48
H39 GCH B . -1.53 -5.76 1.23
H43 GCH B . -8.60 -8.48 8.50
N ALA A 1 3.76 0.56 -16.03
CA ALA A 1 4.23 1.94 -15.74
C ALA A 1 4.01 2.30 -14.26
N PHE A 2 3.89 1.19 -13.44
CA PHE A 2 3.72 1.27 -12.00
C PHE A 2 5.05 1.59 -11.30
N THR A 3 6.22 1.28 -11.95
CA THR A 3 7.51 1.46 -11.29
C THR A 3 7.86 2.97 -11.21
N GLY A 4 8.81 3.28 -10.27
CA GLY A 4 9.30 4.61 -9.97
C GLY A 4 9.30 4.87 -8.47
N LYS A 5 9.80 6.11 -8.10
CA LYS A 5 9.72 6.59 -6.73
C LYS A 5 8.51 7.56 -6.70
N TYR A 6 7.49 7.16 -5.88
CA TYR A 6 6.28 7.94 -5.67
C TYR A 6 6.42 8.74 -4.37
N GLU A 7 5.72 9.93 -4.40
CA GLU A 7 5.35 10.61 -3.17
C GLU A 7 3.81 10.43 -3.03
N ILE A 8 3.33 10.46 -1.75
CA ILE A 8 1.90 10.54 -1.47
C ILE A 8 1.52 12.01 -1.73
N GLU A 9 0.42 12.18 -2.52
CA GLU A 9 -0.14 13.50 -2.80
C GLU A 9 -1.05 13.87 -1.61
N SER A 10 -1.94 12.90 -1.20
CA SER A 10 -2.71 12.99 0.05
C SER A 10 -3.43 11.64 0.30
N GLU A 11 -3.71 11.38 1.62
CA GLU A 11 -4.53 10.25 2.08
C GLU A 11 -5.64 10.89 2.93
N LYS A 12 -6.83 10.18 3.00
CA LYS A 12 -7.95 10.75 3.74
C LYS A 12 -8.03 10.12 5.14
N ASN A 13 -7.94 8.74 5.18
CA ASN A 13 -8.52 7.98 6.31
C ASN A 13 -7.47 7.06 6.96
N TYR A 14 -6.23 7.64 7.03
CA TYR A 14 -5.04 6.87 7.44
C TYR A 14 -5.18 6.47 8.92
N ASP A 15 -5.64 7.45 9.77
CA ASP A 15 -5.51 7.28 11.22
C ASP A 15 -6.39 6.08 11.66
N GLU A 16 -7.70 6.14 11.23
CA GLU A 16 -8.66 5.12 11.62
C GLU A 16 -8.41 3.77 10.94
N PHE A 17 -7.67 3.79 9.78
CA PHE A 17 -7.29 2.55 9.12
C PHE A 17 -6.24 1.84 9.99
N MET A 18 -5.21 2.63 10.45
CA MET A 18 -4.09 2.04 11.18
C MET A 18 -4.59 1.49 12.55
N LYS A 19 -5.75 2.07 13.06
CA LYS A 19 -6.36 1.58 14.29
C LYS A 19 -6.79 0.10 14.08
N ARG A 20 -7.40 -0.16 12.87
CA ARG A 20 -7.92 -1.50 12.57
C ARG A 20 -6.81 -2.52 12.27
N LEU A 21 -5.56 -1.98 12.02
CA LEU A 21 -4.41 -2.83 11.84
C LEU A 21 -3.72 -3.20 13.18
N ALA A 22 -4.21 -2.62 14.32
CA ALA A 22 -3.80 -3.05 15.65
C ALA A 22 -2.29 -2.81 15.85
N LEU A 23 -1.89 -1.54 15.45
CA LEU A 23 -0.51 -1.12 15.50
C LEU A 23 -0.25 -0.19 16.70
N PRO A 24 1.06 -0.07 17.12
CA PRO A 24 1.40 0.84 18.20
C PRO A 24 1.34 2.28 17.68
N SER A 25 1.25 3.24 18.68
CA SER A 25 1.01 4.64 18.28
C SER A 25 2.13 5.12 17.34
N ASP A 26 3.38 4.61 17.59
CA ASP A 26 4.57 5.13 16.94
C ASP A 26 4.42 4.95 15.41
N ALA A 27 3.81 3.78 15.02
CA ALA A 27 3.66 3.51 13.62
C ALA A 27 2.66 4.44 12.92
N ILE A 28 1.73 5.04 13.73
CA ILE A 28 0.78 6.02 13.21
C ILE A 28 1.41 7.43 13.32
N ASP A 29 1.95 7.75 14.54
CA ASP A 29 2.33 9.10 14.90
C ASP A 29 3.65 9.59 14.29
N LYS A 30 4.41 8.65 13.65
CA LYS A 30 5.56 9.07 12.88
C LYS A 30 5.14 9.61 11.50
N ALA A 31 3.83 9.42 11.13
CA ALA A 31 3.28 9.98 9.91
C ALA A 31 1.90 10.64 10.12
N ARG A 32 1.75 11.31 11.32
CA ARG A 32 0.57 12.14 11.59
C ARG A 32 0.68 13.46 10.78
N ASN A 33 0.27 13.32 9.47
CA ASN A 33 0.23 14.38 8.46
C ASN A 33 1.55 14.53 7.67
N LEU A 34 2.31 13.38 7.51
CA LEU A 34 3.37 13.38 6.51
C LEU A 34 2.85 12.86 5.16
N LYS A 35 3.60 13.32 4.10
CA LYS A 35 3.46 12.77 2.75
C LYS A 35 4.46 11.60 2.72
N ILE A 36 3.87 10.36 2.74
CA ILE A 36 4.66 9.12 2.71
C ILE A 36 5.30 9.02 1.30
N ILE A 37 6.54 8.43 1.27
CA ILE A 37 7.25 8.15 0.01
C ILE A 37 7.06 6.64 -0.26
N SER A 38 7.24 6.25 -1.56
CA SER A 38 7.19 4.84 -1.96
C SER A 38 8.14 4.62 -3.15
N GLU A 39 8.84 3.43 -3.13
CA GLU A 39 9.37 2.87 -4.38
C GLU A 39 8.44 1.74 -4.81
N VAL A 40 8.38 1.57 -6.17
CA VAL A 40 7.72 0.43 -6.79
C VAL A 40 8.66 -0.05 -7.93
N LYS A 41 8.75 -1.41 -8.07
CA LYS A 41 9.51 -2.07 -9.15
C LYS A 41 8.67 -3.28 -9.59
N GLN A 42 8.70 -3.51 -10.94
CA GLN A 42 7.91 -4.56 -11.59
C GLN A 42 8.95 -5.58 -12.12
N ASP A 43 9.13 -6.67 -11.30
CA ASP A 43 10.11 -7.72 -11.56
C ASP A 43 9.40 -8.74 -12.48
N GLY A 44 9.11 -8.27 -13.74
CA GLY A 44 8.27 -9.03 -14.64
C GLY A 44 6.82 -9.02 -14.12
N GLN A 45 6.39 -10.26 -13.69
CA GLN A 45 5.07 -10.47 -13.11
C GLN A 45 5.09 -10.41 -11.56
N ASN A 46 6.35 -10.48 -10.97
CA ASN A 46 6.50 -10.13 -9.56
C ASN A 46 6.57 -8.59 -9.47
N PHE A 47 6.20 -8.06 -8.27
CA PHE A 47 6.20 -6.64 -7.97
C PHE A 47 6.91 -6.50 -6.62
N THR A 48 7.98 -5.63 -6.59
CA THR A 48 8.53 -5.16 -5.32
C THR A 48 7.86 -3.80 -5.04
N TRP A 49 7.58 -3.54 -3.71
CA TRP A 49 6.85 -2.33 -3.32
C TRP A 49 7.35 -1.94 -1.91
N SER A 50 8.11 -0.79 -1.86
CA SER A 50 8.51 -0.18 -0.58
C SER A 50 7.61 1.03 -0.29
N GLN A 51 7.30 1.24 1.04
CA GLN A 51 6.81 2.52 1.54
C GLN A 51 7.86 3.06 2.51
N GLN A 52 7.95 4.43 2.59
CA GLN A 52 8.96 5.13 3.36
C GLN A 52 8.29 6.34 4.03
N TYR A 53 8.58 6.47 5.37
CA TYR A 53 8.20 7.69 6.08
C TYR A 53 9.43 8.60 5.93
N PRO A 54 9.26 9.92 5.58
CA PRO A 54 10.43 10.80 5.43
C PRO A 54 10.85 11.27 6.83
N GLY A 55 11.53 10.31 7.55
CA GLY A 55 11.89 10.52 8.94
C GLY A 55 12.72 9.35 9.47
N GLY A 56 12.02 8.15 9.63
CA GLY A 56 12.70 7.10 10.37
C GLY A 56 11.99 5.74 10.46
N HIS A 57 10.97 5.49 9.58
CA HIS A 57 10.45 4.13 9.39
C HIS A 57 10.32 3.90 7.88
N SER A 58 10.24 2.58 7.51
CA SER A 58 10.05 2.15 6.13
C SER A 58 9.57 0.70 6.18
N ILE A 59 8.79 0.34 5.11
CA ILE A 59 8.28 -1.02 4.91
C ILE A 59 8.75 -1.39 3.49
N THR A 60 8.95 -2.73 3.26
CA THR A 60 8.98 -3.23 1.88
C THR A 60 8.31 -4.61 1.86
N ASN A 61 7.95 -5.04 0.61
CA ASN A 61 7.33 -6.34 0.35
C ASN A 61 7.54 -6.67 -1.12
N THR A 62 7.65 -8.02 -1.40
CA THR A 62 7.52 -8.51 -2.77
C THR A 62 6.21 -9.29 -2.84
N PHE A 63 5.52 -9.20 -4.02
CA PHE A 63 4.29 -9.94 -4.27
C PHE A 63 4.19 -10.21 -5.78
N THR A 64 3.25 -11.16 -6.14
CA THR A 64 3.09 -11.58 -7.53
C THR A 64 1.66 -11.27 -8.00
N ILE A 65 1.57 -10.78 -9.28
CA ILE A 65 0.27 -10.62 -9.94
C ILE A 65 -0.17 -12.02 -10.42
N GLY A 66 -1.51 -12.32 -10.24
CA GLY A 66 -2.08 -13.54 -10.76
C GLY A 66 -1.73 -14.78 -9.93
N LYS A 67 -1.62 -14.56 -8.58
CA LYS A 67 -1.19 -15.61 -7.67
C LYS A 67 -1.77 -15.30 -6.28
N GLU A 68 -1.64 -16.33 -5.37
CA GLU A 68 -1.67 -16.05 -3.95
C GLU A 68 -0.26 -15.62 -3.51
N CYS A 69 -0.21 -15.09 -2.26
CA CYS A 69 1.02 -14.75 -1.57
C CYS A 69 0.75 -14.80 -0.07
N ASP A 70 1.88 -14.86 0.70
CA ASP A 70 1.86 -14.70 2.16
C ASP A 70 2.49 -13.32 2.39
N ILE A 71 1.69 -12.39 3.01
CA ILE A 71 2.26 -11.16 3.55
C ILE A 71 2.37 -11.39 5.07
N GLU A 72 3.45 -10.79 5.67
CA GLU A 72 3.77 -11.00 7.08
C GLU A 72 4.24 -9.65 7.67
N THR A 73 4.42 -9.68 9.04
CA THR A 73 4.92 -8.55 9.82
C THR A 73 3.74 -7.61 10.17
N ILE A 74 4.01 -6.25 10.28
CA ILE A 74 2.93 -5.25 10.45
C ILE A 74 2.08 -5.62 11.70
N GLY A 75 2.85 -5.94 12.80
CA GLY A 75 2.30 -6.33 14.09
C GLY A 75 2.24 -7.85 14.31
N GLY A 76 2.87 -8.61 13.37
CA GLY A 76 2.95 -10.07 13.49
C GLY A 76 1.76 -10.83 12.91
N LYS A 77 1.09 -10.19 11.89
CA LYS A 77 -0.03 -10.83 11.22
C LYS A 77 0.52 -11.50 9.96
N LYS A 78 0.61 -12.88 10.04
CA LYS A 78 0.84 -13.69 8.83
C LYS A 78 -0.55 -13.83 8.17
N PHE A 79 -0.66 -13.22 6.95
CA PHE A 79 -1.90 -13.18 6.18
C PHE A 79 -1.60 -13.76 4.80
N LYS A 80 -2.39 -14.82 4.41
CA LYS A 80 -2.45 -15.14 3.00
C LYS A 80 -3.35 -14.12 2.29
N ALA A 81 -3.06 -13.99 0.96
CA ALA A 81 -3.67 -12.96 0.13
C ALA A 81 -3.60 -13.41 -1.34
N THR A 82 -4.63 -12.95 -2.12
CA THR A 82 -4.61 -13.09 -3.59
C THR A 82 -4.35 -11.70 -4.17
N VAL A 83 -3.58 -11.65 -5.31
CA VAL A 83 -3.37 -10.39 -6.01
C VAL A 83 -3.58 -10.63 -7.52
N GLN A 84 -4.39 -9.69 -8.11
CA GLN A 84 -4.70 -9.65 -9.52
C GLN A 84 -4.39 -8.23 -10.04
N MET A 85 -4.43 -8.15 -11.40
CA MET A 85 -4.35 -6.88 -12.12
C MET A 85 -5.51 -6.94 -13.15
N GLU A 86 -6.09 -5.73 -13.44
CA GLU A 86 -6.71 -5.49 -14.76
C GLU A 86 -5.70 -4.67 -15.62
N GLY A 87 -6.23 -3.80 -16.55
CA GLY A 87 -5.33 -3.06 -17.42
C GLY A 87 -4.71 -1.80 -16.79
N GLY A 88 -5.55 -1.08 -15.98
CA GLY A 88 -5.13 0.17 -15.36
C GLY A 88 -4.78 0.05 -13.88
N LYS A 89 -5.10 -1.15 -13.29
CA LYS A 89 -5.30 -1.27 -11.84
C LYS A 89 -4.81 -2.64 -11.33
N VAL A 90 -3.99 -2.56 -10.22
CA VAL A 90 -3.67 -3.73 -9.40
C VAL A 90 -4.79 -3.82 -8.34
N VAL A 91 -5.09 -5.10 -7.94
CA VAL A 91 -6.18 -5.42 -7.02
C VAL A 91 -5.73 -6.59 -6.12
N VAL A 92 -5.46 -6.23 -4.82
CA VAL A 92 -5.16 -7.20 -3.76
C VAL A 92 -6.50 -7.55 -3.08
N ASN A 93 -6.58 -8.83 -2.60
CA ASN A 93 -7.76 -9.36 -1.92
C ASN A 93 -7.24 -10.37 -0.87
N SER A 94 -8.01 -10.55 0.25
CA SER A 94 -7.54 -11.36 1.38
C SER A 94 -8.75 -11.62 2.31
N PRO A 95 -8.65 -12.55 3.32
CA PRO A 95 -9.86 -13.07 3.98
C PRO A 95 -10.48 -12.16 5.06
N ASN A 96 -9.85 -10.95 5.23
CA ASN A 96 -10.51 -9.86 5.97
C ASN A 96 -9.81 -8.54 5.60
N TYR A 97 -9.45 -8.46 4.26
CA TYR A 97 -8.72 -7.29 3.75
C TYR A 97 -8.85 -7.27 2.22
N HIS A 98 -8.84 -6.02 1.66
CA HIS A 98 -8.88 -5.79 0.23
C HIS A 98 -8.16 -4.46 -0.02
N HIS A 99 -7.43 -4.39 -1.18
CA HIS A 99 -6.69 -3.18 -1.53
C HIS A 99 -6.63 -3.12 -3.06
N THR A 100 -6.44 -1.87 -3.59
CA THR A 100 -6.74 -1.61 -4.99
C THR A 100 -5.99 -0.33 -5.35
N ALA A 101 -5.39 -0.31 -6.59
CA ALA A 101 -4.35 0.67 -6.90
C ALA A 101 -4.26 0.86 -8.42
N GLU A 102 -4.51 2.11 -8.90
CA GLU A 102 -4.61 2.41 -10.34
C GLU A 102 -3.94 3.73 -10.74
N ILE A 103 -3.57 3.79 -12.07
CA ILE A 103 -2.76 4.89 -12.61
C ILE A 103 -3.63 5.84 -13.47
N VAL A 104 -3.37 7.18 -13.26
CA VAL A 104 -3.89 8.23 -14.13
C VAL A 104 -2.64 9.00 -14.67
N ASP A 105 -2.49 10.31 -14.31
CA ASP A 105 -1.46 11.24 -14.81
C ASP A 105 -0.09 11.02 -14.10
N GLY A 106 0.29 9.70 -14.02
CA GLY A 106 1.35 9.29 -13.12
C GLY A 106 0.93 9.42 -11.64
N LYS A 107 -0.36 9.82 -11.45
CA LYS A 107 -1.09 9.72 -10.20
C LYS A 107 -1.39 8.22 -10.06
N LEU A 108 -0.99 7.67 -8.88
CA LEU A 108 -1.38 6.32 -8.48
C LEU A 108 -2.47 6.56 -7.44
N VAL A 109 -3.75 6.40 -7.92
CA VAL A 109 -4.91 6.44 -7.02
C VAL A 109 -4.93 5.07 -6.32
N GLU A 110 -5.35 5.07 -5.02
CA GLU A 110 -5.35 3.86 -4.21
C GLU A 110 -6.57 3.86 -3.27
N VAL A 111 -7.10 2.60 -3.04
CA VAL A 111 -8.22 2.37 -2.14
C VAL A 111 -7.95 1.02 -1.43
N SER A 112 -8.01 1.07 -0.07
CA SER A 112 -8.06 -0.12 0.78
C SER A 112 -9.45 -0.26 1.42
N THR A 113 -9.69 -1.51 1.93
CA THR A 113 -10.89 -1.83 2.71
C THR A 113 -10.49 -3.00 3.63
N VAL A 114 -10.45 -2.65 4.96
CA VAL A 114 -10.21 -3.61 6.04
C VAL A 114 -11.59 -3.97 6.61
N GLY A 115 -11.60 -4.93 7.59
CA GLY A 115 -12.84 -5.31 8.24
C GLY A 115 -13.34 -4.16 9.12
N GLY A 116 -14.18 -3.27 8.47
CA GLY A 116 -14.89 -2.22 9.14
C GLY A 116 -14.61 -0.78 8.70
N VAL A 117 -13.57 -0.57 7.82
CA VAL A 117 -13.20 0.79 7.37
C VAL A 117 -12.71 0.69 5.90
N SER A 118 -13.10 1.73 5.07
CA SER A 118 -12.46 2.02 3.79
C SER A 118 -11.43 3.16 3.99
N TYR A 119 -10.43 3.19 3.04
CA TYR A 119 -9.29 4.11 3.15
C TYR A 119 -8.78 4.33 1.74
N GLU A 120 -8.86 5.61 1.31
CA GLU A 120 -8.46 6.04 -0.01
C GLU A 120 -7.33 7.09 0.05
N ARG A 121 -6.53 7.07 -1.07
CA ARG A 121 -5.41 7.97 -1.22
C ARG A 121 -5.05 8.20 -2.68
N VAL A 122 -4.24 9.29 -2.87
CA VAL A 122 -3.62 9.60 -4.14
C VAL A 122 -2.10 9.72 -3.86
N SER A 123 -1.32 8.81 -4.54
CA SER A 123 0.12 8.99 -4.69
C SER A 123 0.41 9.50 -6.09
N LYS A 124 1.69 9.96 -6.29
CA LYS A 124 2.09 10.67 -7.49
C LYS A 124 3.55 10.30 -7.76
N LYS A 125 3.76 9.76 -9.01
CA LYS A 125 5.10 9.44 -9.49
C LYS A 125 5.72 10.77 -9.88
N LEU A 126 6.86 11.10 -9.16
CA LEU A 126 7.45 12.42 -9.28
C LEU A 126 8.99 12.34 -9.27
N ALA A 127 9.47 11.06 -9.32
CA ALA A 127 10.88 10.76 -9.20
C ALA A 127 11.19 9.34 -9.70
C GCH B . 0.32 -2.13 -2.23
O GCH B . -0.71 -1.73 -3.14
C1 GCH B . 0.16 -1.38 -0.91
C2 GCH B . 1.26 -1.77 0.10
C3 GCH B . 1.40 -3.31 0.32
C4 GCH B . 1.39 -4.05 -1.05
C5 GCH B . 0.25 -3.63 -1.98
C6 GCH B . 2.80 -3.60 0.94
C7 GCH B . 1.10 -0.98 1.41
C8 GCH B . 0.02 -1.52 2.36
O1 GCH B . -1.28 -1.25 1.85
C9 GCH B . 0.20 -3.03 2.61
C10 GCH B . 0.25 -3.84 1.28
C11 GCH B . 0.29 -5.37 1.53
C12 GCH B . -0.72 -5.89 2.58
C13 GCH B . -0.66 -5.10 3.91
C14 GCH B . -0.89 -3.61 3.53
C15 GCH B . -1.12 -2.91 4.87
C16 GCH B . -1.83 -3.95 5.72
C17 GCH B . -1.83 -5.29 4.94
C18 GCH B . -1.80 -6.53 5.88
C19 GCH B . -1.80 -7.85 5.11
C20 GCH B . -3.01 -6.51 6.86
C21 GCH B . -2.89 -7.53 8.00
C22 GCH B . -3.55 -7.03 9.27
N GCH B . -4.93 -7.07 9.27
CA GCH B . -5.70 -6.62 10.41
O2 GCH B . -2.89 -6.57 10.19
C23 GCH B . 0.71 -5.32 4.61
O3 GCH B . -2.02 -5.84 1.98
C24 GCH B . -6.15 -7.74 11.34
O4 GCH B . -6.13 -8.96 10.77
O5 GCH B . -6.57 -7.59 12.48
H12 GCH B . 1.28 -1.89 -2.69
H1 GCH B . -0.44 -0.84 -3.46
H10 GCH B . 0.19 -0.30 -1.10
H11 GCH B . -0.82 -1.59 -0.50
H9 GCH B . 2.20 -1.42 -0.35
H4 GCH B . 1.37 -5.13 -0.93
H5 GCH B . 2.33 -3.83 -1.58
H2 GCH B . 0.31 -4.16 -2.93
H3 GCH B . -0.73 -3.90 -1.55
H6 GCH B . 3.00 -4.67 1.01
H7 GCH B . 3.59 -3.18 0.31
H8 GCH B . 2.92 -3.17 1.93
H17 GCH B . 0.88 0.07 1.18
H18 GCH B . 2.06 -0.98 1.95
H16 GCH B . 0.11 -0.98 3.31
H13 GCH B . -1.42 -0.29 1.97
H15 GCH B . 1.16 -3.14 3.13
H14 GCH B . -0.71 -3.65 0.77
H41 GCH B . 0.09 -5.89 0.60
H42 GCH B . 1.30 -5.68 1.85
H40 GCH B . -0.51 -6.95 2.75
H35 GCH B . -1.83 -3.53 2.98
H33 GCH B . -0.18 -2.60 5.32
H34 GCH B . -1.74 -2.01 4.75
H31 GCH B . -2.84 -3.64 5.95
H32 GCH B . -1.30 -4.05 6.68
H30 GCH B . -2.77 -5.34 4.38
H29 GCH B . -0.90 -6.49 6.49
H19 GCH B . -1.88 -8.71 5.79
H20 GCH B . -2.64 -7.91 4.41
H21 GCH B . -0.87 -7.99 4.55
H27 GCH B . -3.11 -5.52 7.30
H28 GCH B . -3.94 -6.69 6.31
H25 GCH B . -3.34 -8.49 7.71
H26 GCH B . -1.84 -7.74 8.24
H24 GCH B . -5.37 -7.72 8.63
H22 GCH B . -6.58 -6.12 10.03
H23 GCH B . -5.10 -5.93 11.00
H36 GCH B . 0.80 -6.37 4.92
H37 GCH B . 1.56 -5.10 3.96
H38 GCH B . 0.81 -4.70 5.51
H39 GCH B . -2.61 -6.38 2.53
H43 GCH B . -6.52 -9.54 11.47
N ALA A 1 1.53 1.30 -16.88
CA ALA A 1 2.77 2.12 -17.01
C ALA A 1 3.27 2.50 -15.59
N PHE A 2 3.13 1.42 -14.73
CA PHE A 2 3.17 1.63 -13.28
C PHE A 2 4.57 2.04 -12.80
N THR A 3 5.63 1.54 -13.51
CA THR A 3 6.98 1.46 -12.95
C THR A 3 7.58 2.86 -12.67
N GLY A 4 8.47 2.91 -11.62
CA GLY A 4 9.25 4.10 -11.28
C GLY A 4 9.26 4.43 -9.78
N LYS A 5 9.86 5.65 -9.49
CA LYS A 5 9.85 6.23 -8.15
C LYS A 5 8.64 7.20 -8.06
N TYR A 6 8.02 7.27 -6.84
CA TYR A 6 6.81 8.02 -6.56
C TYR A 6 6.88 8.64 -5.15
N GLU A 7 5.92 9.59 -4.92
CA GLU A 7 5.87 10.29 -3.63
C GLU A 7 4.42 10.73 -3.37
N ILE A 8 4.00 10.49 -2.08
CA ILE A 8 2.60 10.56 -1.64
C ILE A 8 2.22 12.01 -1.26
N GLU A 9 1.00 12.39 -1.77
CA GLU A 9 0.41 13.71 -1.48
C GLU A 9 -0.27 13.68 -0.09
N SER A 10 -1.13 12.63 0.10
CA SER A 10 -1.84 12.47 1.38
C SER A 10 -2.49 11.08 1.43
N GLU A 11 -3.00 10.77 2.68
CA GLU A 11 -3.58 9.51 3.10
C GLU A 11 -4.90 9.87 3.78
N LYS A 12 -6.01 9.92 2.96
CA LYS A 12 -7.26 10.52 3.41
C LYS A 12 -8.14 9.59 4.29
N ASN A 13 -7.47 8.88 5.26
CA ASN A 13 -8.18 8.37 6.44
C ASN A 13 -7.10 8.00 7.46
N TYR A 14 -6.51 6.77 7.29
CA TYR A 14 -5.38 6.24 8.05
C TYR A 14 -5.81 5.90 9.49
N ASP A 15 -6.39 6.92 10.19
CA ASP A 15 -6.53 6.91 11.64
C ASP A 15 -7.58 5.84 12.01
N GLU A 16 -8.81 5.96 11.37
CA GLU A 16 -9.87 5.01 11.61
C GLU A 16 -9.64 3.65 10.90
N PHE A 17 -8.54 3.58 10.07
CA PHE A 17 -8.05 2.30 9.59
C PHE A 17 -7.21 1.64 10.69
N MET A 18 -6.21 2.41 11.23
CA MET A 18 -5.23 1.86 12.15
C MET A 18 -5.90 1.48 13.50
N LYS A 19 -6.99 2.25 13.86
CA LYS A 19 -7.69 1.97 15.11
C LYS A 19 -8.42 0.61 14.96
N ARG A 20 -8.96 0.41 13.71
CA ARG A 20 -9.63 -0.83 13.31
C ARG A 20 -8.67 -2.02 13.18
N LEU A 21 -7.37 -1.72 12.85
CA LEU A 21 -6.36 -2.77 12.75
C LEU A 21 -5.87 -3.23 14.15
N ALA A 22 -6.16 -2.36 15.17
CA ALA A 22 -5.83 -2.56 16.59
C ALA A 22 -4.37 -2.18 16.91
N LEU A 23 -3.92 -1.06 16.25
CA LEU A 23 -2.58 -0.52 16.46
C LEU A 23 -2.65 0.75 17.34
N PRO A 24 -1.50 1.11 18.04
CA PRO A 24 -1.61 2.04 19.15
C PRO A 24 -1.51 3.52 18.75
N SER A 25 -2.10 4.37 19.65
CA SER A 25 -2.08 5.84 19.53
C SER A 25 -0.74 6.41 20.07
N ASP A 26 0.36 5.89 19.43
CA ASP A 26 1.68 6.53 19.43
C ASP A 26 2.20 6.35 17.98
N ALA A 27 2.03 5.07 17.50
CA ALA A 27 2.51 4.73 16.16
C ALA A 27 1.64 5.44 15.10
N ILE A 28 0.32 5.58 15.43
CA ILE A 28 -0.59 6.33 14.57
C ILE A 28 -0.22 7.83 14.72
N ASP A 29 0.00 8.25 16.03
CA ASP A 29 -0.03 9.67 16.37
C ASP A 29 1.22 10.40 15.83
N LYS A 30 2.35 9.62 15.76
CA LYS A 30 3.59 10.14 15.19
C LYS A 30 3.56 10.15 13.64
N ALA A 31 2.60 9.33 13.07
CA ALA A 31 2.53 9.10 11.64
C ALA A 31 1.49 9.96 10.90
N ARG A 32 0.38 10.37 11.60
CA ARG A 32 -0.85 10.71 10.87
C ARG A 32 -0.88 12.09 10.14
N ASN A 33 0.32 12.59 9.70
CA ASN A 33 0.45 13.83 8.93
C ASN A 33 1.78 13.81 8.15
N LEU A 34 2.17 12.55 7.73
CA LEU A 34 3.35 12.33 6.92
C LEU A 34 3.00 12.19 5.41
N LYS A 35 4.12 12.24 4.61
CA LYS A 35 4.09 12.19 3.15
C LYS A 35 5.28 11.27 2.74
N ILE A 36 4.92 9.95 2.62
CA ILE A 36 5.85 8.83 2.39
C ILE A 36 6.34 8.83 0.91
N ILE A 37 7.61 8.31 0.73
CA ILE A 37 8.18 8.14 -0.61
C ILE A 37 8.00 6.65 -0.98
N SER A 38 7.96 6.35 -2.32
CA SER A 38 7.70 4.99 -2.78
C SER A 38 8.34 4.66 -4.13
N GLU A 39 8.75 3.34 -4.27
CA GLU A 39 9.23 2.81 -5.53
C GLU A 39 8.24 1.69 -5.95
N VAL A 40 8.20 1.45 -7.30
CA VAL A 40 7.59 0.24 -7.85
C VAL A 40 8.43 -0.17 -9.07
N LYS A 41 9.10 -1.36 -8.89
CA LYS A 41 9.84 -2.05 -9.94
C LYS A 41 8.93 -3.22 -10.40
N GLN A 42 8.93 -3.47 -11.76
CA GLN A 42 8.39 -4.72 -12.28
C GLN A 42 9.57 -5.71 -12.40
N ASP A 43 9.26 -7.02 -12.14
CA ASP A 43 10.25 -8.10 -12.21
C ASP A 43 9.94 -9.00 -13.43
N GLY A 44 8.60 -9.15 -13.71
CA GLY A 44 8.12 -9.93 -14.85
C GLY A 44 6.60 -9.96 -14.79
N GLN A 45 6.07 -11.15 -14.34
CA GLN A 45 4.67 -11.24 -13.87
C GLN A 45 4.59 -10.72 -12.41
N ASN A 46 5.81 -10.66 -11.76
CA ASN A 46 5.99 -10.16 -10.43
C ASN A 46 6.36 -8.68 -10.50
N PHE A 47 6.00 -7.98 -9.37
CA PHE A 47 6.43 -6.61 -9.11
C PHE A 47 7.08 -6.63 -7.72
N THR A 48 7.98 -5.62 -7.51
CA THR A 48 8.60 -5.35 -6.22
C THR A 48 8.27 -3.89 -5.90
N TRP A 49 7.25 -3.76 -4.96
CA TRP A 49 6.78 -2.47 -4.48
C TRP A 49 7.58 -2.16 -3.20
N SER A 50 7.87 -0.84 -2.99
CA SER A 50 8.70 -0.40 -1.88
C SER A 50 8.21 0.98 -1.44
N GLN A 51 8.33 1.24 -0.09
CA GLN A 51 7.99 2.51 0.52
C GLN A 51 9.20 2.89 1.42
N GLN A 52 9.67 4.18 1.28
CA GLN A 52 10.55 4.75 2.30
C GLN A 52 9.66 5.58 3.24
N TYR A 53 9.66 5.16 4.54
CA TYR A 53 9.11 6.01 5.60
C TYR A 53 10.20 7.07 5.84
N PRO A 54 9.84 8.32 6.29
CA PRO A 54 10.86 9.37 6.45
C PRO A 54 11.74 9.05 7.68
N GLY A 55 12.90 8.38 7.35
CA GLY A 55 13.89 8.00 8.33
C GLY A 55 13.60 6.66 9.01
N GLY A 56 12.35 6.59 9.62
CA GLY A 56 12.15 5.63 10.69
C GLY A 56 11.92 4.16 10.28
N HIS A 57 11.74 3.92 8.94
CA HIS A 57 11.58 2.56 8.43
C HIS A 57 11.61 2.59 6.88
N SER A 58 11.75 1.36 6.29
CA SER A 58 11.22 1.11 4.95
C SER A 58 10.07 0.09 5.11
N ILE A 59 9.21 0.03 4.06
CA ILE A 59 8.20 -1.02 3.92
C ILE A 59 8.44 -1.53 2.49
N THR A 60 8.32 -2.86 2.24
CA THR A 60 8.63 -3.43 0.91
C THR A 60 8.03 -4.83 0.84
N ASN A 61 7.60 -5.22 -0.40
CA ASN A 61 7.32 -6.62 -0.68
C ASN A 61 7.48 -6.84 -2.19
N THR A 62 8.01 -8.07 -2.54
CA THR A 62 7.82 -8.61 -3.89
C THR A 62 6.45 -9.30 -3.86
N PHE A 63 5.75 -9.25 -5.04
CA PHE A 63 4.42 -9.84 -5.17
C PHE A 63 4.24 -10.24 -6.64
N THR A 64 3.26 -11.18 -6.89
CA THR A 64 3.07 -11.74 -8.25
C THR A 64 1.59 -11.73 -8.65
N ILE A 65 1.34 -11.21 -9.90
CA ILE A 65 -0.01 -11.03 -10.41
C ILE A 65 -0.58 -12.42 -10.80
N GLY A 66 -1.64 -12.84 -10.03
CA GLY A 66 -2.34 -14.10 -10.24
C GLY A 66 -1.94 -15.24 -9.30
N LYS A 67 -0.89 -15.00 -8.45
CA LYS A 67 -0.48 -15.98 -7.45
C LYS A 67 -1.05 -15.56 -6.08
N GLU A 68 -1.09 -16.56 -5.12
CA GLU A 68 -1.05 -16.20 -3.72
C GLU A 68 0.41 -15.84 -3.33
N CYS A 69 0.51 -14.91 -2.32
CA CYS A 69 1.79 -14.54 -1.73
C CYS A 69 1.57 -14.50 -0.20
N ASP A 70 2.73 -14.62 0.53
CA ASP A 70 2.75 -14.36 1.97
C ASP A 70 3.17 -12.89 2.08
N ILE A 71 2.53 -12.15 3.03
CA ILE A 71 2.73 -10.71 3.17
C ILE A 71 2.53 -10.36 4.67
N GLU A 72 3.49 -9.56 5.24
CA GLU A 72 3.13 -8.67 6.35
C GLU A 72 4.25 -7.62 6.45
N THR A 73 3.94 -6.57 7.28
CA THR A 73 4.92 -5.56 7.66
C THR A 73 4.45 -4.55 8.72
N ILE A 74 3.09 -4.37 8.82
CA ILE A 74 2.54 -3.32 9.69
C ILE A 74 2.31 -3.82 11.13
N GLY A 75 2.03 -5.15 11.26
CA GLY A 75 1.85 -5.80 12.55
C GLY A 75 2.70 -7.06 12.74
N GLY A 76 3.40 -7.48 11.64
CA GLY A 76 4.30 -8.61 11.66
C GLY A 76 3.68 -9.99 11.49
N LYS A 77 2.31 -10.10 11.57
CA LYS A 77 1.65 -11.39 11.84
C LYS A 77 1.35 -12.27 10.61
N LYS A 78 2.20 -12.04 9.56
CA LYS A 78 2.37 -12.95 8.42
C LYS A 78 1.03 -13.40 7.78
N PHE A 79 0.39 -12.42 7.06
CA PHE A 79 -0.84 -12.72 6.33
C PHE A 79 -0.54 -13.50 5.03
N LYS A 80 -1.61 -14.27 4.58
CA LYS A 80 -1.67 -14.73 3.21
C LYS A 80 -2.43 -13.66 2.41
N ALA A 81 -2.17 -13.65 1.07
CA ALA A 81 -2.87 -12.73 0.17
C ALA A 81 -2.90 -13.35 -1.24
N THR A 82 -4.08 -13.14 -1.93
CA THR A 82 -4.19 -13.41 -3.37
C THR A 82 -3.87 -12.08 -4.06
N VAL A 83 -2.73 -12.08 -4.82
CA VAL A 83 -2.28 -10.89 -5.50
C VAL A 83 -2.72 -11.00 -6.97
N GLN A 84 -3.21 -9.84 -7.51
CA GLN A 84 -4.01 -9.86 -8.73
C GLN A 84 -3.94 -8.47 -9.42
N MET A 85 -4.43 -8.50 -10.70
CA MET A 85 -4.76 -7.29 -11.46
C MET A 85 -6.30 -7.26 -11.42
N GLU A 86 -6.86 -6.04 -11.15
CA GLU A 86 -8.31 -5.80 -11.06
C GLU A 86 -8.81 -5.04 -12.34
N GLY A 87 -7.85 -4.82 -13.30
CA GLY A 87 -8.15 -4.21 -14.59
C GLY A 87 -7.66 -2.75 -14.65
N GLY A 88 -6.34 -2.62 -15.06
CA GLY A 88 -5.68 -1.33 -15.15
C GLY A 88 -5.09 -0.80 -13.82
N LYS A 89 -4.98 -1.76 -12.84
CA LYS A 89 -5.45 -1.48 -11.48
C LYS A 89 -4.99 -2.73 -10.71
N VAL A 90 -3.86 -2.58 -9.96
CA VAL A 90 -3.26 -3.73 -9.26
C VAL A 90 -4.06 -3.92 -7.96
N VAL A 91 -4.01 -5.19 -7.43
CA VAL A 91 -4.71 -5.52 -6.19
C VAL A 91 -3.99 -6.62 -5.40
N VAL A 92 -3.98 -6.39 -4.04
CA VAL A 92 -3.66 -7.41 -3.04
C VAL A 92 -5.01 -7.65 -2.31
N ASN A 93 -5.67 -8.82 -2.67
CA ASN A 93 -6.86 -9.30 -1.96
C ASN A 93 -6.37 -10.30 -0.88
N SER A 94 -7.18 -10.47 0.20
CA SER A 94 -6.68 -11.17 1.39
C SER A 94 -7.85 -11.46 2.36
N PRO A 95 -7.61 -12.29 3.44
CA PRO A 95 -8.68 -12.62 4.40
C PRO A 95 -9.20 -11.36 5.12
N ASN A 96 -10.43 -10.92 4.66
CA ASN A 96 -11.14 -9.81 5.28
C ASN A 96 -10.40 -8.47 5.07
N TYR A 97 -9.71 -8.39 3.87
CA TYR A 97 -8.77 -7.29 3.63
C TYR A 97 -8.51 -7.22 2.11
N HIS A 98 -8.62 -5.98 1.54
CA HIS A 98 -8.46 -5.76 0.11
C HIS A 98 -7.76 -4.41 -0.06
N HIS A 99 -6.75 -4.38 -0.98
CA HIS A 99 -5.93 -3.17 -1.21
C HIS A 99 -5.65 -3.10 -2.71
N THR A 100 -6.25 -2.07 -3.37
CA THR A 100 -5.99 -1.75 -4.78
C THR A 100 -4.93 -0.64 -4.91
N ALA A 101 -4.35 -0.57 -6.15
CA ALA A 101 -3.64 0.60 -6.66
C ALA A 101 -4.19 0.94 -8.06
N GLU A 102 -4.03 2.26 -8.43
CA GLU A 102 -4.67 2.86 -9.61
C GLU A 102 -3.75 3.97 -10.17
N ILE A 103 -3.96 4.26 -11.50
CA ILE A 103 -3.30 5.35 -12.21
C ILE A 103 -4.40 6.29 -12.76
N VAL A 104 -4.62 7.42 -11.98
CA VAL A 104 -5.33 8.58 -12.56
C VAL A 104 -4.23 9.37 -13.34
N ASP A 105 -4.48 10.68 -13.68
CA ASP A 105 -3.65 11.43 -14.67
C ASP A 105 -2.19 11.64 -14.16
N GLY A 106 -1.40 10.51 -14.29
CA GLY A 106 -0.07 10.43 -13.74
C GLY A 106 0.00 10.42 -12.20
N LYS A 107 -1.22 10.41 -11.56
CA LYS A 107 -1.38 10.26 -10.14
C LYS A 107 -1.54 8.75 -9.90
N LEU A 108 -0.66 8.21 -9.00
CA LEU A 108 -0.79 6.83 -8.55
C LEU A 108 -1.65 6.90 -7.27
N VAL A 109 -2.95 6.48 -7.42
CA VAL A 109 -3.87 6.38 -6.28
C VAL A 109 -3.77 4.94 -5.73
N GLU A 110 -4.07 4.84 -4.40
CA GLU A 110 -4.26 3.57 -3.72
C GLU A 110 -5.54 3.63 -2.87
N VAL A 111 -6.09 2.41 -2.60
CA VAL A 111 -7.21 2.23 -1.66
C VAL A 111 -6.93 0.93 -0.90
N SER A 112 -7.08 1.01 0.48
CA SER A 112 -7.30 -0.19 1.28
C SER A 112 -8.75 -0.19 1.80
N THR A 113 -9.24 -1.44 2.08
CA THR A 113 -10.60 -1.67 2.57
C THR A 113 -10.51 -2.84 3.55
N VAL A 114 -11.07 -2.61 4.79
CA VAL A 114 -10.98 -3.51 5.95
C VAL A 114 -12.41 -3.82 6.45
N GLY A 115 -13.28 -4.15 5.44
CA GLY A 115 -14.64 -4.57 5.71
C GLY A 115 -15.52 -3.34 5.96
N GLY A 116 -15.39 -2.81 7.22
CA GLY A 116 -16.23 -1.72 7.70
C GLY A 116 -15.65 -0.30 7.57
N VAL A 117 -14.41 -0.20 6.99
CA VAL A 117 -13.74 1.08 6.76
C VAL A 117 -12.96 0.96 5.43
N SER A 118 -12.86 2.14 4.71
CA SER A 118 -11.94 2.32 3.57
C SER A 118 -10.84 3.34 3.96
N TYR A 119 -9.79 3.39 3.08
CA TYR A 119 -8.58 4.19 3.33
C TYR A 119 -7.94 4.40 1.97
N GLU A 120 -8.23 5.60 1.39
CA GLU A 120 -7.71 6.00 0.09
C GLU A 120 -6.46 6.89 0.31
N ARG A 121 -5.60 6.89 -0.76
CA ARG A 121 -4.24 7.45 -0.70
C ARG A 121 -3.89 7.92 -2.12
N VAL A 122 -3.14 9.08 -2.19
CA VAL A 122 -2.82 9.71 -3.46
C VAL A 122 -1.29 9.93 -3.53
N SER A 123 -0.72 9.62 -4.75
CA SER A 123 0.71 9.76 -5.00
C SER A 123 0.92 10.30 -6.43
N LYS A 124 2.19 10.76 -6.68
CA LYS A 124 2.64 11.20 -7.99
C LYS A 124 4.09 10.76 -8.23
N LYS A 125 4.49 10.80 -9.54
CA LYS A 125 5.72 10.19 -9.99
C LYS A 125 6.90 11.16 -9.83
N LEU A 126 8.06 10.60 -9.35
CA LEU A 126 9.34 11.31 -9.27
C LEU A 126 10.24 10.88 -10.46
N ALA A 127 9.59 10.95 -11.66
CA ALA A 127 10.26 10.81 -12.94
C ALA A 127 9.31 11.36 -14.01
C GCH B . 1.23 -1.91 -1.83
O GCH B . 0.14 -1.58 -2.69
C1 GCH B . 1.14 -1.12 -0.52
C2 GCH B . 2.21 -1.54 0.51
C3 GCH B . 2.25 -3.08 0.75
C4 GCH B . 2.30 -3.81 -0.61
C5 GCH B . 1.17 -3.41 -1.56
C6 GCH B . 3.58 -3.45 1.47
C7 GCH B . 2.04 -0.74 1.82
C8 GCH B . 0.93 -1.22 2.77
O1 GCH B . -0.33 -0.81 2.23
C9 GCH B . 0.96 -2.74 2.99
C10 GCH B . 0.99 -3.49 1.61
C11 GCH B . 0.82 -5.03 1.75
C12 GCH B . -0.29 -5.45 2.70
C13 GCH B . -0.14 -4.80 4.09
C14 GCH B . -0.20 -3.26 3.86
C15 GCH B . -0.37 -2.68 5.25
C16 GCH B . -1.15 -3.75 6.03
C17 GCH B . -1.33 -4.97 5.09
C18 GCH B . -1.48 -6.33 5.85
C19 GCH B . -1.71 -7.48 4.86
C20 GCH B . -2.59 -6.27 6.94
C21 GCH B . -2.87 -7.65 7.56
C22 GCH B . -3.44 -7.63 8.95
N GCH B . -4.60 -6.90 9.13
CA GCH B . -5.35 -7.07 10.37
O2 GCH B . -2.93 -8.26 9.88
C23 GCH B . 1.19 -5.25 4.76
O3 GCH B . -1.56 -5.12 2.13
C24 GCH B . -4.72 -6.39 11.58
O4 GCH B . -5.62 -6.19 12.57
O5 GCH B . -3.55 -6.06 11.73
H12 GCH B . 2.15 -1.67 -2.35
H1 GCH B . 0.23 -0.61 -2.90
H10 GCH B . 1.25 -0.05 -0.75
H11 GCH B . 0.13 -1.23 -0.11
H9 GCH B . 3.17 -1.24 0.08
H4 GCH B . 2.29 -4.90 -0.50
H5 GCH B . 3.24 -3.58 -1.12
H2 GCH B . 1.25 -3.96 -2.50
H3 GCH B . 0.19 -3.69 -1.15
H6 GCH B . 3.68 -4.53 1.59
H7 GCH B . 4.44 -3.12 0.88
H8 GCH B . 3.68 -2.99 2.45
H17 GCH B . 1.88 0.31 1.59
H18 GCH B . 3.00 -0.79 2.37
H16 GCH B . 1.05 -0.70 3.73
H13 GCH B . -0.89 -0.56 2.99
H15 GCH B . 1.90 -2.95 3.53
H14 GCH B . 0.09 -3.16 1.07
H41 GCH B . 0.60 -5.45 0.77
H42 GCH B . 1.77 -5.47 2.07
H40 GCH B . -0.27 -6.54 2.78
H35 GCH B . -1.14 -3.02 3.32
H33 GCH B . 0.61 -2.50 5.73
H34 GCH B . -0.91 -1.73 5.24
H31 GCH B . -2.12 -3.36 6.36
H32 GCH B . -0.59 -4.04 6.93
H30 GCH B . -2.26 -4.81 4.53
H29 GCH B . -0.54 -6.54 6.38
H19 GCH B . -0.79 -7.72 4.32
H20 GCH B . -1.99 -8.42 5.35
H21 GCH B . -2.49 -7.23 4.13
H27 GCH B . -2.29 -5.58 7.73
H28 GCH B . -3.50 -5.88 6.51
H25 GCH B . -3.58 -8.19 6.92
H26 GCH B . -1.95 -8.23 7.61
H24 GCH B . -5.12 -6.69 8.29
H22 GCH B . -5.48 -8.13 10.58
H23 GCH B . -6.34 -6.61 10.20
H36 GCH B . 1.34 -4.81 5.75
H37 GCH B . 1.19 -6.34 4.90
H38 GCH B . 2.07 -5.00 4.17
H39 GCH B . -1.61 -5.61 1.29
H43 GCH B . -5.20 -5.68 13.31
N ALA A 1 3.30 -0.88 -16.75
CA ALA A 1 3.81 0.52 -16.84
C ALA A 1 3.56 1.29 -15.52
N PHE A 2 3.58 0.48 -14.40
CA PHE A 2 3.41 1.00 -13.06
C PHE A 2 4.72 1.56 -12.46
N THR A 3 5.89 1.16 -13.08
CA THR A 3 7.19 1.32 -12.41
C THR A 3 7.52 2.81 -12.11
N GLY A 4 8.35 2.99 -11.04
CA GLY A 4 8.97 4.25 -10.70
C GLY A 4 8.95 4.54 -9.19
N LYS A 5 9.52 5.76 -8.88
CA LYS A 5 9.39 6.35 -7.54
C LYS A 5 8.11 7.22 -7.59
N TYR A 6 7.43 7.33 -6.41
CA TYR A 6 6.19 8.06 -6.24
C TYR A 6 6.23 8.77 -4.88
N GLU A 7 5.48 9.91 -4.80
CA GLU A 7 5.26 10.60 -3.52
C GLU A 7 3.74 10.80 -3.34
N ILE A 8 3.32 11.07 -2.05
CA ILE A 8 1.92 11.31 -1.72
C ILE A 8 1.54 12.78 -2.03
N GLU A 9 0.33 12.91 -2.69
CA GLU A 9 -0.36 14.19 -2.82
C GLU A 9 -1.24 14.42 -1.57
N SER A 10 -2.10 13.39 -1.24
CA SER A 10 -3.15 13.57 -0.24
C SER A 10 -3.70 12.21 0.24
N GLU A 11 -4.34 12.26 1.46
CA GLU A 11 -4.93 11.14 2.19
C GLU A 11 -6.10 11.71 3.01
N LYS A 12 -6.93 10.75 3.58
CA LYS A 12 -8.09 11.17 4.35
C LYS A 12 -8.30 10.28 5.60
N ASN A 13 -8.06 8.93 5.41
CA ASN A 13 -8.68 7.95 6.30
C ASN A 13 -7.67 7.17 7.17
N TYR A 14 -6.41 7.70 7.22
CA TYR A 14 -5.27 6.93 7.76
C TYR A 14 -5.54 6.56 9.23
N ASP A 15 -5.99 7.59 10.03
CA ASP A 15 -6.02 7.43 11.49
C ASP A 15 -7.09 6.37 11.83
N GLU A 16 -8.28 6.54 11.14
CA GLU A 16 -9.39 5.63 11.38
C GLU A 16 -9.07 4.21 10.90
N PHE A 17 -8.27 4.12 9.80
CA PHE A 17 -7.86 2.83 9.24
C PHE A 17 -6.94 2.12 10.23
N MET A 18 -5.94 2.89 10.79
CA MET A 18 -4.99 2.31 11.73
C MET A 18 -5.70 1.94 13.06
N LYS A 19 -6.83 2.65 13.38
CA LYS A 19 -7.59 2.33 14.59
C LYS A 19 -8.25 0.93 14.42
N ARG A 20 -8.69 0.64 13.14
CA ARG A 20 -9.27 -0.68 12.82
C ARG A 20 -8.22 -1.81 12.82
N LEU A 21 -6.94 -1.44 12.45
CA LEU A 21 -5.83 -2.39 12.54
C LEU A 21 -5.39 -2.61 14.01
N ALA A 22 -5.57 -1.54 14.85
CA ALA A 22 -5.31 -1.57 16.29
C ALA A 22 -3.80 -1.56 16.62
N LEU A 23 -3.08 -0.61 15.91
CA LEU A 23 -1.72 -0.28 16.34
C LEU A 23 -1.80 0.67 17.56
N PRO A 24 -0.69 0.70 18.39
CA PRO A 24 -0.72 1.54 19.58
C PRO A 24 -0.58 3.02 19.18
N SER A 25 -1.13 3.90 20.09
CA SER A 25 -1.59 5.21 19.59
C SER A 25 -0.48 6.08 19.00
N ASP A 26 0.74 5.99 19.62
CA ASP A 26 1.88 6.82 19.20
C ASP A 26 2.47 6.29 17.87
N ALA A 27 2.35 4.93 17.65
CA ALA A 27 2.84 4.38 16.38
C ALA A 27 1.96 4.83 15.19
N ILE A 28 0.68 5.23 15.50
CA ILE A 28 -0.16 5.90 14.53
C ILE A 28 0.30 7.36 14.41
N ASP A 29 0.46 8.03 15.62
CA ASP A 29 0.62 9.49 15.68
C ASP A 29 1.90 9.91 14.95
N LYS A 30 2.99 9.08 15.12
CA LYS A 30 4.30 9.39 14.56
C LYS A 30 4.43 9.04 13.07
N ALA A 31 3.25 8.84 12.41
CA ALA A 31 3.17 8.95 10.96
C ALA A 31 1.98 9.79 10.44
N ARG A 32 1.30 10.56 11.38
CA ARG A 32 0.27 11.48 10.98
C ARG A 32 0.88 12.73 10.31
N ASN A 33 0.14 13.23 9.25
CA ASN A 33 0.01 12.41 8.04
C ASN A 33 1.20 12.81 7.17
N LEU A 34 2.27 11.94 7.26
CA LEU A 34 3.54 12.27 6.65
C LEU A 34 3.45 12.14 5.12
N LYS A 35 4.41 12.89 4.45
CA LYS A 35 4.56 12.74 3.01
C LYS A 35 5.38 11.46 2.80
N ILE A 36 4.59 10.32 2.75
CA ILE A 36 5.18 9.00 2.56
C ILE A 36 5.62 8.97 1.08
N ILE A 37 6.85 8.40 0.89
CA ILE A 37 7.42 8.23 -0.44
C ILE A 37 7.28 6.72 -0.72
N SER A 38 7.09 6.38 -2.04
CA SER A 38 6.90 5.00 -2.46
C SER A 38 7.69 4.69 -3.71
N GLU A 39 8.09 3.38 -3.81
CA GLU A 39 8.79 2.83 -4.95
C GLU A 39 7.96 1.64 -5.43
N VAL A 40 8.07 1.39 -6.78
CA VAL A 40 7.64 0.13 -7.36
C VAL A 40 8.47 -0.13 -8.62
N LYS A 41 8.96 -1.42 -8.71
CA LYS A 41 9.54 -1.99 -9.92
C LYS A 41 8.66 -3.19 -10.31
N GLN A 42 8.48 -3.36 -11.66
CA GLN A 42 7.92 -4.59 -12.21
C GLN A 42 9.08 -5.52 -12.60
N ASP A 43 8.81 -6.86 -12.41
CA ASP A 43 9.85 -7.88 -12.39
C ASP A 43 9.24 -9.14 -13.03
N GLY A 44 8.67 -8.93 -14.28
CA GLY A 44 8.39 -10.10 -15.11
C GLY A 44 7.21 -10.92 -14.61
N GLN A 45 6.18 -10.17 -14.08
CA GLN A 45 4.96 -10.68 -13.45
C GLN A 45 5.09 -10.74 -11.90
N ASN A 46 6.37 -10.72 -11.40
CA ASN A 46 6.59 -10.25 -10.04
C ASN A 46 6.57 -8.71 -10.08
N PHE A 47 6.25 -8.13 -8.90
CA PHE A 47 6.30 -6.69 -8.63
C PHE A 47 7.05 -6.56 -7.29
N THR A 48 8.01 -5.58 -7.25
CA THR A 48 8.77 -5.27 -6.04
C THR A 48 8.34 -3.85 -5.65
N TRP A 49 7.47 -3.79 -4.58
CA TRP A 49 6.90 -2.54 -4.07
C TRP A 49 7.68 -2.11 -2.80
N SER A 50 7.61 -0.78 -2.49
CA SER A 50 8.07 -0.27 -1.21
C SER A 50 7.40 1.07 -0.88
N GLN A 51 7.22 1.32 0.47
CA GLN A 51 6.86 2.63 1.01
C GLN A 51 8.02 2.96 1.98
N GLN A 52 8.61 4.19 1.83
CA GLN A 52 9.53 4.70 2.85
C GLN A 52 8.71 5.43 3.93
N TYR A 53 8.99 5.04 5.21
CA TYR A 53 8.51 5.81 6.37
C TYR A 53 9.69 6.74 6.77
N PRO A 54 9.47 8.09 6.88
CA PRO A 54 10.54 9.04 7.26
C PRO A 54 10.98 8.95 8.75
N GLY A 55 11.52 7.73 9.11
CA GLY A 55 11.73 7.41 10.51
C GLY A 55 12.41 6.04 10.66
N GLY A 56 13.31 5.74 9.64
CA GLY A 56 14.28 4.69 9.83
C GLY A 56 13.80 3.29 9.46
N HIS A 57 12.75 3.24 8.56
CA HIS A 57 12.39 1.98 7.92
C HIS A 57 11.58 2.24 6.65
N SER A 58 11.53 1.15 5.80
CA SER A 58 10.51 1.04 4.78
C SER A 58 9.54 -0.09 5.20
N ILE A 59 8.33 -0.01 4.57
CA ILE A 59 7.46 -1.18 4.45
C ILE A 59 7.72 -1.61 2.97
N THR A 60 8.61 -2.65 2.84
CA THR A 60 9.04 -3.22 1.55
C THR A 60 8.33 -4.57 1.38
N ASN A 61 8.04 -4.93 0.08
CA ASN A 61 7.34 -6.18 -0.27
C ASN A 61 7.65 -6.52 -1.74
N THR A 62 7.81 -7.86 -2.02
CA THR A 62 7.73 -8.37 -3.39
C THR A 62 6.45 -9.21 -3.41
N PHE A 63 5.73 -9.17 -4.58
CA PHE A 63 4.55 -9.99 -4.79
C PHE A 63 4.45 -10.38 -6.28
N THR A 64 3.75 -11.53 -6.53
CA THR A 64 3.61 -12.11 -7.87
C THR A 64 2.14 -12.05 -8.25
N ILE A 65 1.86 -11.33 -9.39
CA ILE A 65 0.50 -11.15 -9.84
C ILE A 65 -0.03 -12.46 -10.48
N GLY A 66 -1.33 -12.75 -10.14
CA GLY A 66 -2.01 -13.93 -10.66
C GLY A 66 -1.90 -15.19 -9.81
N LYS A 67 -1.55 -15.02 -8.50
CA LYS A 67 -1.53 -16.12 -7.54
C LYS A 67 -1.78 -15.57 -6.12
N GLU A 68 -1.68 -16.50 -5.10
CA GLU A 68 -1.48 -16.05 -3.73
C GLU A 68 0.02 -15.80 -3.47
N CYS A 69 0.29 -14.90 -2.49
CA CYS A 69 1.62 -14.66 -1.98
C CYS A 69 1.52 -14.73 -0.45
N ASP A 70 2.73 -15.01 0.16
CA ASP A 70 2.89 -14.95 1.61
C ASP A 70 3.22 -13.48 1.94
N ILE A 71 2.79 -13.05 3.16
CA ILE A 71 3.13 -11.74 3.68
C ILE A 71 3.37 -11.89 5.21
N GLU A 72 4.36 -11.09 5.73
CA GLU A 72 4.75 -11.22 7.14
C GLU A 72 5.38 -9.92 7.67
N THR A 73 4.51 -8.85 7.68
CA THR A 73 4.89 -7.54 8.18
C THR A 73 3.73 -6.94 9.04
N ILE A 74 4.06 -5.80 9.75
CA ILE A 74 3.06 -4.98 10.45
C ILE A 74 2.48 -5.83 11.62
N GLY A 75 3.42 -6.29 12.52
CA GLY A 75 3.03 -6.85 13.80
C GLY A 75 3.98 -7.93 14.31
N GLY A 76 4.69 -8.58 13.31
CA GLY A 76 5.39 -9.83 13.63
C GLY A 76 4.40 -11.00 13.60
N LYS A 77 3.58 -11.01 12.49
CA LYS A 77 2.59 -12.05 12.28
C LYS A 77 2.68 -12.47 10.81
N LYS A 78 2.16 -13.72 10.56
CA LYS A 78 2.11 -14.29 9.21
C LYS A 78 0.72 -13.99 8.61
N PHE A 79 0.68 -13.89 7.25
CA PHE A 79 -0.55 -13.66 6.48
C PHE A 79 -0.33 -14.29 5.07
N LYS A 80 -1.49 -14.63 4.42
CA LYS A 80 -1.51 -14.88 2.97
C LYS A 80 -2.23 -13.68 2.33
N ALA A 81 -1.98 -13.48 1.00
CA ALA A 81 -2.70 -12.49 0.21
C ALA A 81 -2.81 -12.98 -1.23
N THR A 82 -4.04 -12.79 -1.83
CA THR A 82 -4.22 -12.95 -3.29
C THR A 82 -3.95 -11.59 -3.93
N VAL A 83 -3.42 -11.63 -5.19
CA VAL A 83 -3.07 -10.38 -5.88
C VAL A 83 -3.10 -10.59 -7.40
N GLN A 84 -3.69 -9.55 -8.10
CA GLN A 84 -3.85 -9.62 -9.54
C GLN A 84 -4.01 -8.21 -10.15
N MET A 85 -3.71 -8.16 -11.49
CA MET A 85 -3.91 -6.95 -12.28
C MET A 85 -5.28 -7.04 -12.97
N GLU A 86 -5.80 -5.82 -13.33
CA GLU A 86 -7.00 -5.65 -14.14
C GLU A 86 -6.79 -4.35 -14.97
N GLY A 87 -7.89 -3.61 -15.31
CA GLY A 87 -7.88 -2.64 -16.38
C GLY A 87 -7.13 -1.32 -16.12
N GLY A 88 -5.75 -1.46 -16.08
CA GLY A 88 -4.89 -0.33 -15.74
C GLY A 88 -4.67 -0.17 -14.23
N LYS A 89 -4.89 -1.31 -13.50
CA LYS A 89 -5.18 -1.29 -12.08
C LYS A 89 -4.66 -2.62 -11.48
N VAL A 90 -4.20 -2.55 -10.20
CA VAL A 90 -3.82 -3.72 -9.41
C VAL A 90 -4.84 -3.83 -8.26
N VAL A 91 -5.28 -5.11 -7.97
CA VAL A 91 -6.02 -5.39 -6.75
C VAL A 91 -5.19 -6.38 -5.91
N VAL A 92 -5.15 -6.09 -4.57
CA VAL A 92 -4.68 -7.07 -3.58
C VAL A 92 -5.95 -7.41 -2.76
N ASN A 93 -6.01 -8.69 -2.29
CA ASN A 93 -7.12 -9.14 -1.46
C ASN A 93 -6.51 -10.14 -0.48
N SER A 94 -7.10 -10.22 0.76
CA SER A 94 -6.52 -11.05 1.82
C SER A 94 -7.58 -11.21 2.92
N PRO A 95 -7.33 -12.03 4.01
CA PRO A 95 -8.36 -12.28 5.03
C PRO A 95 -8.72 -11.12 6.00
N ASN A 96 -8.81 -9.87 5.41
CA ASN A 96 -9.55 -8.73 5.96
C ASN A 96 -9.06 -7.41 5.33
N TYR A 97 -7.81 -7.47 4.76
CA TYR A 97 -7.13 -6.29 4.21
C TYR A 97 -7.27 -6.39 2.67
N HIS A 98 -8.32 -5.70 2.13
CA HIS A 98 -8.36 -5.51 0.68
C HIS A 98 -7.53 -4.25 0.39
N HIS A 99 -6.86 -4.27 -0.81
CA HIS A 99 -6.15 -3.10 -1.32
C HIS A 99 -6.34 -3.06 -2.83
N THR A 100 -6.14 -1.83 -3.38
CA THR A 100 -6.44 -1.56 -4.79
C THR A 100 -5.57 -0.35 -5.11
N ALA A 101 -4.95 -0.39 -6.33
CA ALA A 101 -4.04 0.65 -6.77
C ALA A 101 -4.19 0.82 -8.28
N GLU A 102 -4.10 2.11 -8.73
CA GLU A 102 -4.63 2.46 -10.04
C GLU A 102 -4.01 3.76 -10.55
N ILE A 103 -3.70 3.75 -11.89
CA ILE A 103 -3.03 4.87 -12.53
C ILE A 103 -4.10 5.72 -13.26
N VAL A 104 -4.11 7.04 -12.90
CA VAL A 104 -4.88 8.06 -13.61
C VAL A 104 -3.94 9.27 -13.68
N ASP A 105 -3.83 9.92 -14.88
CA ASP A 105 -3.09 11.21 -15.01
C ASP A 105 -1.59 11.19 -14.59
N GLY A 106 -1.01 9.93 -14.51
CA GLY A 106 0.32 9.73 -13.95
C GLY A 106 0.38 9.80 -12.40
N LYS A 107 -0.83 10.09 -11.80
CA LYS A 107 -1.12 9.78 -10.41
C LYS A 107 -1.21 8.26 -10.30
N LEU A 108 -0.93 7.79 -9.05
CA LEU A 108 -1.15 6.41 -8.61
C LEU A 108 -2.05 6.59 -7.39
N VAL A 109 -3.39 6.44 -7.66
CA VAL A 109 -4.34 6.43 -6.55
C VAL A 109 -4.28 5.02 -5.95
N GLU A 110 -4.37 4.98 -4.59
CA GLU A 110 -4.54 3.75 -3.85
C GLU A 110 -5.87 3.82 -3.06
N VAL A 111 -6.43 2.60 -2.78
CA VAL A 111 -7.64 2.44 -2.01
C VAL A 111 -7.53 1.07 -1.30
N SER A 112 -7.31 1.12 0.06
CA SER A 112 -7.65 -0.04 0.88
C SER A 112 -9.12 0.00 1.32
N THR A 113 -9.58 -1.22 1.74
CA THR A 113 -10.83 -1.39 2.47
C THR A 113 -10.54 -2.42 3.57
N VAL A 114 -11.20 -2.19 4.75
CA VAL A 114 -10.93 -2.96 5.97
C VAL A 114 -12.28 -3.29 6.65
N GLY A 115 -13.19 -3.81 5.75
CA GLY A 115 -14.55 -4.08 6.14
C GLY A 115 -15.34 -2.77 6.11
N GLY A 116 -15.40 -2.14 7.34
CA GLY A 116 -16.26 -1.00 7.57
C GLY A 116 -15.60 0.39 7.45
N VAL A 117 -14.35 0.42 6.88
CA VAL A 117 -13.64 1.67 6.59
C VAL A 117 -12.90 1.49 5.24
N SER A 118 -12.82 2.62 4.46
CA SER A 118 -11.92 2.74 3.32
C SER A 118 -10.61 3.39 3.79
N TYR A 119 -9.54 3.25 2.94
CA TYR A 119 -8.36 4.11 3.05
C TYR A 119 -7.90 4.38 1.64
N GLU A 120 -8.54 5.45 1.07
CA GLU A 120 -8.13 6.08 -0.15
C GLU A 120 -6.94 7.03 0.12
N ARG A 121 -6.06 7.10 -0.94
CA ARG A 121 -4.78 7.79 -0.87
C ARG A 121 -4.40 8.14 -2.31
N VAL A 122 -3.95 9.42 -2.49
CA VAL A 122 -3.58 9.96 -3.79
C VAL A 122 -2.04 10.12 -3.78
N SER A 123 -1.37 9.36 -4.72
CA SER A 123 0.08 9.39 -4.91
C SER A 123 0.39 9.82 -6.35
N LYS A 124 1.66 10.31 -6.57
CA LYS A 124 2.02 10.94 -7.84
C LYS A 124 3.49 10.63 -8.15
N LYS A 125 3.75 10.42 -9.49
CA LYS A 125 5.08 10.11 -9.98
C LYS A 125 5.88 11.41 -10.15
N LEU A 126 6.42 11.90 -8.99
CA LEU A 126 7.28 13.09 -8.92
C LEU A 126 8.74 12.72 -9.23
N ALA A 127 8.87 11.89 -10.33
CA ALA A 127 10.15 11.61 -10.94
C ALA A 127 10.64 12.79 -11.80
C GCH B . 0.75 -1.60 -2.03
O GCH B . -0.35 -1.26 -2.86
C1 GCH B . 0.59 -0.98 -0.64
C2 GCH B . 1.79 -1.33 0.27
C3 GCH B . 2.06 -2.87 0.34
C4 GCH B . 2.05 -3.49 -1.09
C5 GCH B . 0.83 -3.12 -1.92
C6 GCH B . 3.50 -3.08 0.87
C7 GCH B . 1.65 -0.68 1.66
C8 GCH B . 0.72 -1.40 2.65
O1 GCH B . -0.64 -1.17 2.29
C9 GCH B . 1.05 -2.91 2.72
C10 GCH B . 0.99 -3.55 1.30
C11 GCH B . 1.09 -5.10 1.32
C12 GCH B . 0.21 -5.79 2.38
C13 GCH B . 0.44 -5.19 3.79
C14 GCH B . 0.13 -3.67 3.68
C15 GCH B . 0.13 -3.21 5.14
C16 GCH B . -0.36 -4.42 5.94
C17 GCH B . -0.56 -5.58 4.93
C18 GCH B . -0.43 -7.01 5.55
C19 GCH B . -1.01 -8.09 4.64
C20 GCH B . -1.06 -7.16 6.96
C21 GCH B . -2.58 -7.04 7.04
C22 GCH B . -3.05 -6.94 8.48
N GCH B . -4.40 -7.15 8.65
CA GCH B . -5.04 -7.06 9.96
O2 GCH B . -2.30 -6.65 9.41
C23 GCH B . 1.90 -5.45 4.22
O3 GCH B . -1.15 -5.66 1.97
C24 GCH B . -5.04 -8.39 10.69
O4 GCH B . -6.21 -8.64 11.33
O5 GCH B . -4.11 -9.17 10.79
H12 GCH B . 1.65 -1.22 -2.50
H1 GCH B . -0.24 -0.30 -3.07
H10 GCH B . 0.51 0.11 -0.74
H11 GCH B . -0.36 -1.30 -0.20
H9 GCH B . 2.66 -0.87 -0.21
H4 GCH B . 2.16 -4.59 -1.06
H5 GCH B . 2.94 -3.15 -1.64
H2 GCH B . 0.91 -3.55 -2.92
H3 GCH B . -0.08 -3.52 -1.48
H6 GCH B . 4.24 -2.65 0.19
H7 GCH B . 3.67 -2.61 1.84
H8 GCH B . 3.74 -4.13 0.99
H17 GCH B . 1.31 0.36 1.53
H18 GCH B . 2.65 -0.63 2.12
H16 GCH B . 0.86 -0.95 3.64
H13 GCH B . -0.75 -0.20 2.29
H15 GCH B . 2.06 -2.98 3.11
H14 GCH B . 0.00 -3.33 0.88
H41 GCH B . 0.77 -5.48 0.34
H42 GCH B . 2.12 -5.42 1.46
H40 GCH B . 0.45 -6.85 2.36
H35 GCH B . -0.89 -3.56 3.31
H33 GCH B . 1.13 -2.92 5.47
H34 GCH B . -0.52 -2.34 5.30
H31 GCH B . -1.30 -4.20 6.47
H32 GCH B . 0.38 -4.68 6.71
H30 GCH B . -1.58 -5.48 4.55
H29 GCH B . 0.63 -7.23 5.68
H19 GCH B . -0.49 -8.16 3.69
H20 GCH B . -0.94 -9.07 5.10
H21 GCH B . -2.08 -7.90 4.40
H27 GCH B . -0.76 -8.14 7.37
H28 GCH B . -0.58 -6.43 7.65
H25 GCH B . -2.92 -6.14 6.52
H26 GCH B . -3.05 -7.91 6.58
H24 GCH B . -4.93 -7.60 7.92
H22 GCH B . -6.07 -6.74 9.79
H23 GCH B . -4.53 -6.33 10.58
H36 GCH B . 2.12 -5.06 5.23
H37 GCH B . 2.12 -6.52 4.24
H38 GCH B . 2.65 -5.01 3.56
H39 GCH B . -1.67 -6.27 2.53
H43 GCH B . -6.03 -9.45 11.87
#